data_4HVB
#
_entry.id   4HVB
#
_cell.length_a   144.800
_cell.length_b   67.584
_cell.length_c   106.897
_cell.angle_alpha   90.00
_cell.angle_beta   95.48
_cell.angle_gamma   90.00
#
_symmetry.space_group_name_H-M   'C 1 2 1'
#
loop_
_entity.id
_entity.type
_entity.pdbx_description
1 polymer 'Phosphatidylinositol 4,5-bisphosphate 3-kinase catalytic subunit gamma isoform'
2 non-polymer 1-{1-[(2S)-2-hydroxypropanoyl]piperidin-4-yl}-3-methyl-8-(6-methylpyridin-3-yl)-1,3-dihydro-2H-imidazo[4,5-c][1,5]naphthyridin-2-one
3 water water
#
_entity_poly.entity_id   1
_entity_poly.type   'polypeptide(L)'
_entity_poly.pdbx_seq_one_letter_code
;MSEESQAFQRQLTALIGYDVTDVSNVHDDELEFTRRGLVTPRMAEVASRDPKLYAMHPWVTSKPLPEYLWKKIANNCIFI
VIHRSTTSQTIKVSPDDTPGAILQSFFTKMAKKKSLMDIPESQSEQDFVLRVCGRDEYLVGETPIKNFQWVRHCLKNGEE
IHVVLDTPPDPALDEVRKEEWPLVDDCTGVTGYHEQLTIHGKDHESVFTVSLWDCDRKFRVKIRGIDIPVLPRNTDLTVF
VEANIQHGQQVLCQRRTSPKPFTEEVLWNVWLEFSIKIKDLPKGALLNLQIYCGKAPALSSKASAESPSSESKGKVRLLY
YVNLLLIDHRFLLRRGEYVLHMWQISGKGEDQGSFNADKLTSATNPDKENSMSISILLDNYCHPIALPKHQPTPDPEGDR
VRAEMPNQLRKQLEAIIATDPLNPLTAEDKELLWHFRYESLKHPKAYPKLFSSVKWGQQEIVAKTYQLLARREVWDQSAL
DVGLTMQLLDCNFSDENVRAIAVQKLESLEDDDVLHYLLQLVQAVKFEPYHDSALARFLLKRGLRNKRIGHFLFWFLRSE
IAQSRHYQQRFAVILEAYLRGCGTAMLHDFTQQVQVIEMLQKVTLDIKSLSAEKYDVSSQVISQLKQKLENLQNSQLPES
FRVPYDPGLKAGALAIEKCKVMASKKKPLWLEFKCADPTALSNETIGIIFKHGDDLRQDMLILQILRIMESIWETESLDL
CLLPYGCISTGDKIGMIEIVKDATTIAKIQQSTVGNTGAFKDEVLNHWLKEKSPTEEKFQAAVERFVYSCAGYCVATFVL
GIGDRHNDNIMITETGNLFHIDFGHILGNYKSFLGINKERVPFVLTPDFLFVMGTSGKKTSPHFQKFQDICVKAYLALRH
HTNLLIILFSMMLMTGMPQLTSKEDIEYIRDALTVGKNEEDAKKYFLDQIEVCRDKGWTVQFNWFLHLVLGIKQGEKHSA
HHHHHH
;
_entity_poly.pdbx_strand_id   A
#
loop_
_chem_comp.id
_chem_comp.type
_chem_comp.name
_chem_comp.formula
19P non-polymer 1-{1-[(2S)-2-hydroxypropanoyl]piperidin-4-yl}-3-methyl-8-(6-methylpyridin-3-yl)-1,3-dihydro-2H-imidazo[4,5-c][1,5]naphthyridin-2-one 'C24 H26 N6 O3'
#
# COMPACT_ATOMS: atom_id res chain seq x y z
N SER A 2 30.33 -17.15 15.11
CA SER A 2 30.30 -16.85 16.58
C SER A 2 29.20 -17.66 17.27
N GLU A 3 28.84 -17.28 18.49
CA GLU A 3 27.77 -17.92 19.25
C GLU A 3 26.63 -16.94 19.45
N GLU A 4 26.96 -15.72 19.85
CA GLU A 4 26.00 -14.64 19.92
C GLU A 4 25.32 -14.51 18.57
N SER A 5 26.13 -14.42 17.51
CA SER A 5 25.62 -14.18 16.16
C SER A 5 24.74 -15.34 15.69
N GLN A 6 24.89 -16.50 16.31
CA GLN A 6 24.02 -17.62 16.00
C GLN A 6 22.73 -17.55 16.81
N ALA A 7 22.70 -16.64 17.78
CA ALA A 7 21.51 -16.38 18.58
C ALA A 7 20.84 -15.09 18.10
N PHE A 8 21.68 -14.17 17.61
CA PHE A 8 21.21 -12.93 17.01
C PHE A 8 20.26 -13.27 15.86
N GLN A 9 20.62 -14.30 15.11
CA GLN A 9 19.80 -14.78 14.01
C GLN A 9 18.53 -15.43 14.52
N ARG A 10 18.55 -15.83 15.79
CA ARG A 10 17.38 -16.45 16.39
C ARG A 10 16.31 -15.39 16.69
N GLN A 11 16.76 -14.17 16.97
CA GLN A 11 15.83 -13.08 17.25
C GLN A 11 15.20 -12.59 15.94
N LEU A 12 16.05 -12.31 14.96
CA LEU A 12 15.58 -11.91 13.64
C LEU A 12 14.43 -12.83 13.20
N THR A 13 14.65 -14.14 13.34
CA THR A 13 13.67 -15.12 12.90
C THR A 13 12.34 -15.04 13.67
N ALA A 14 12.36 -14.42 14.84
CA ALA A 14 11.12 -14.21 15.58
C ALA A 14 10.51 -12.89 15.14
N LEU A 15 11.36 -11.93 14.78
CA LEU A 15 10.91 -10.67 14.22
C LEU A 15 10.31 -10.85 12.82
N ILE A 16 11.01 -11.57 11.96
CA ILE A 16 10.60 -11.75 10.57
C ILE A 16 9.34 -12.60 10.52
N GLY A 17 9.33 -13.67 11.30
CA GLY A 17 8.17 -14.55 11.35
C GLY A 17 8.35 -15.70 10.39
N TYR A 18 9.53 -15.78 9.79
CA TYR A 18 9.92 -16.91 8.95
C TYR A 18 11.44 -17.09 9.03
N ASP A 19 11.87 -18.33 8.84
CA ASP A 19 13.26 -18.73 9.06
C ASP A 19 14.02 -18.71 7.73
N VAL A 20 14.85 -17.69 7.53
CA VAL A 20 15.49 -17.48 6.22
C VAL A 20 16.78 -18.25 6.03
N THR A 21 17.15 -19.05 7.02
CA THR A 21 18.37 -19.84 6.91
C THR A 21 17.97 -21.21 6.44
N ASP A 22 16.74 -21.58 6.74
CA ASP A 22 16.16 -22.81 6.22
C ASP A 22 16.48 -22.88 4.72
N VAL A 23 16.65 -24.10 4.20
CA VAL A 23 16.92 -24.30 2.79
C VAL A 23 16.27 -25.59 2.34
N SER A 24 14.99 -25.73 2.68
CA SER A 24 14.25 -26.97 2.49
C SER A 24 13.04 -26.80 1.58
N ASN A 25 12.76 -25.56 1.20
CA ASN A 25 11.77 -25.30 0.15
C ASN A 25 12.41 -24.49 -0.97
N VAL A 26 13.68 -24.79 -1.23
CA VAL A 26 14.40 -24.17 -2.33
C VAL A 26 14.83 -25.25 -3.33
N HIS A 27 15.50 -24.85 -4.39
CA HIS A 27 16.14 -25.77 -5.31
C HIS A 27 17.35 -25.09 -5.96
N ASP A 28 17.75 -23.98 -5.38
CA ASP A 28 19.00 -23.33 -5.80
C ASP A 28 19.45 -22.30 -4.78
N ASP A 29 20.53 -21.59 -5.09
CA ASP A 29 21.06 -20.62 -4.15
C ASP A 29 20.74 -19.16 -4.48
N GLU A 30 19.54 -18.88 -5.01
CA GLU A 30 19.17 -17.50 -5.31
C GLU A 30 18.96 -16.69 -4.02
N LEU A 31 18.22 -17.27 -3.08
CA LEU A 31 17.98 -16.60 -1.82
C LEU A 31 19.27 -16.33 -1.03
N GLU A 32 20.12 -17.35 -0.86
CA GLU A 32 21.40 -17.12 -0.16
C GLU A 32 22.21 -16.11 -0.95
N PHE A 33 22.15 -16.26 -2.27
CA PHE A 33 22.81 -15.33 -3.19
C PHE A 33 22.34 -13.90 -3.04
N THR A 34 21.05 -13.73 -2.79
CA THR A 34 20.51 -12.38 -2.61
C THR A 34 20.77 -11.89 -1.19
N ARG A 35 20.54 -12.73 -0.20
CA ARG A 35 20.93 -12.39 1.17
C ARG A 35 22.36 -11.90 1.15
N ARG A 36 23.19 -12.60 0.37
CA ARG A 36 24.59 -12.25 0.22
C ARG A 36 24.72 -10.96 -0.58
N GLY A 37 24.05 -10.90 -1.72
CA GLY A 37 24.08 -9.68 -2.51
C GLY A 37 23.62 -8.43 -1.77
N LEU A 38 22.73 -8.57 -0.78
CA LEU A 38 22.20 -7.39 -0.11
C LEU A 38 23.10 -6.87 0.99
N VAL A 39 24.01 -7.73 1.46
CA VAL A 39 24.97 -7.33 2.50
C VAL A 39 25.61 -5.99 2.17
N THR A 40 25.83 -5.72 0.88
CA THR A 40 26.61 -4.55 0.49
C THR A 40 25.82 -3.26 0.56
N PRO A 41 24.68 -3.21 -0.14
CA PRO A 41 23.88 -1.98 -0.16
C PRO A 41 23.38 -1.58 1.23
N ARG A 42 23.25 -2.55 2.12
CA ARG A 42 22.97 -2.29 3.53
C ARG A 42 24.09 -1.53 4.23
N MET A 43 25.28 -2.15 4.30
CA MET A 43 26.44 -1.51 4.93
C MET A 43 26.74 -0.21 4.18
N ALA A 44 26.51 -0.24 2.87
CA ALA A 44 26.71 0.94 2.05
C ALA A 44 25.85 2.09 2.59
N GLU A 45 24.58 1.80 2.86
CA GLU A 45 23.63 2.82 3.31
C GLU A 45 23.87 3.20 4.76
N VAL A 46 24.15 2.20 5.58
CA VAL A 46 24.41 2.44 6.99
C VAL A 46 25.54 3.46 7.15
N ALA A 47 26.64 3.21 6.46
CA ALA A 47 27.84 4.02 6.61
C ALA A 47 27.63 5.44 6.09
N SER A 48 26.50 5.67 5.44
CA SER A 48 26.26 6.95 4.80
C SER A 48 25.22 7.84 5.52
N ARG A 49 24.48 7.28 6.47
CA ARG A 49 23.41 8.08 7.09
C ARG A 49 23.97 8.92 8.23
N ASP A 50 23.74 10.23 8.15
CA ASP A 50 24.02 11.11 9.27
C ASP A 50 23.43 10.44 10.51
N PRO A 51 24.27 10.18 11.53
CA PRO A 51 23.77 9.39 12.65
C PRO A 51 22.75 10.13 13.50
N LYS A 52 22.88 11.45 13.53
CA LYS A 52 21.98 12.27 14.34
C LYS A 52 20.61 12.40 13.69
N LEU A 53 20.56 13.05 12.53
CA LEU A 53 19.32 13.20 11.77
C LEU A 53 18.56 11.88 11.57
N TYR A 54 19.26 10.76 11.71
CA TYR A 54 18.63 9.46 11.61
C TYR A 54 18.10 8.96 12.97
N ALA A 55 18.65 9.50 14.05
CA ALA A 55 18.16 9.16 15.39
C ALA A 55 16.89 9.96 15.67
N MET A 56 16.84 11.18 15.14
CA MET A 56 15.71 12.07 15.40
C MET A 56 14.74 12.15 14.23
N HIS A 57 15.15 11.63 13.08
CA HIS A 57 14.26 11.43 11.95
C HIS A 57 13.24 12.53 11.76
N PRO A 58 13.66 13.77 11.54
CA PRO A 58 12.56 14.73 11.33
C PRO A 58 11.59 14.22 10.26
N TRP A 59 10.32 14.60 10.38
CA TRP A 59 9.31 14.25 9.37
C TRP A 59 8.94 15.47 8.55
N VAL A 60 9.67 15.68 7.46
CA VAL A 60 9.58 16.90 6.67
C VAL A 60 8.93 16.73 5.29
N THR A 61 8.56 17.85 4.68
CA THR A 61 8.08 17.88 3.30
C THR A 61 8.67 19.12 2.65
N SER A 62 8.92 19.07 1.35
CA SER A 62 9.45 20.23 0.66
C SER A 62 8.41 20.81 -0.27
N LYS A 63 7.22 20.24 -0.25
CA LYS A 63 6.10 20.73 -1.05
C LYS A 63 5.64 22.08 -0.50
N PRO A 64 4.88 22.84 -1.31
CA PRO A 64 4.47 24.18 -0.89
C PRO A 64 3.39 24.15 0.18
N LEU A 65 3.55 24.95 1.22
CA LEU A 65 2.49 25.08 2.20
C LEU A 65 1.25 25.52 1.42
N PRO A 66 0.16 24.73 1.51
CA PRO A 66 -1.02 24.98 0.67
C PRO A 66 -1.71 26.28 1.02
N GLU A 67 -2.75 26.63 0.25
CA GLU A 67 -3.46 27.89 0.46
C GLU A 67 -4.32 27.85 1.71
N TYR A 68 -5.12 26.79 1.83
CA TYR A 68 -6.06 26.70 2.93
C TYR A 68 -5.37 26.76 4.28
N LEU A 69 -4.07 26.52 4.31
CA LEU A 69 -3.31 26.65 5.55
C LEU A 69 -2.60 28.01 5.71
N TRP A 70 -2.46 28.75 4.62
CA TRP A 70 -1.99 30.13 4.73
C TRP A 70 -3.15 30.99 5.22
N LYS A 71 -4.32 30.78 4.61
CA LYS A 71 -5.51 31.52 4.99
C LYS A 71 -6.02 31.06 6.36
N LYS A 72 -5.30 30.12 6.97
CA LYS A 72 -5.53 29.76 8.36
C LYS A 72 -4.44 30.38 9.23
N ILE A 73 -3.54 31.12 8.58
CA ILE A 73 -2.59 31.94 9.30
C ILE A 73 -2.98 33.41 9.19
N ALA A 74 -2.86 34.13 10.30
CA ALA A 74 -3.23 35.54 10.35
C ALA A 74 -2.25 36.39 9.54
N ASN A 75 -0.98 36.35 9.93
CA ASN A 75 0.01 37.26 9.34
C ASN A 75 1.45 36.84 9.63
N ASN A 76 2.04 36.05 8.74
CA ASN A 76 3.42 35.60 8.87
C ASN A 76 3.79 35.37 10.33
N CYS A 77 2.80 34.93 11.10
CA CYS A 77 2.96 34.74 12.53
C CYS A 77 2.30 33.43 12.99
N ILE A 78 3.13 32.51 13.45
CA ILE A 78 2.66 31.24 13.96
C ILE A 78 3.05 31.15 15.42
N PHE A 79 2.25 30.45 16.22
CA PHE A 79 2.53 30.36 17.64
C PHE A 79 2.90 28.95 18.09
N ILE A 80 4.04 28.87 18.76
CA ILE A 80 4.54 27.60 19.30
C ILE A 80 4.59 27.69 20.82
N VAL A 81 3.75 26.91 21.47
CA VAL A 81 3.73 26.87 22.94
C VAL A 81 4.84 25.94 23.43
N ILE A 82 5.88 26.51 24.03
CA ILE A 82 7.01 25.71 24.51
C ILE A 82 6.78 25.25 25.95
N HIS A 83 7.36 24.10 26.29
CA HIS A 83 7.32 23.58 27.66
C HIS A 83 8.72 23.16 28.09
N ARG A 84 9.17 23.68 29.23
CA ARG A 84 10.39 23.17 29.84
C ARG A 84 10.03 22.19 30.95
N SER A 85 9.92 22.69 32.17
CA SER A 85 9.46 21.87 33.28
C SER A 85 7.94 21.87 33.26
N THR A 86 7.34 22.61 34.19
CA THR A 86 5.92 22.87 34.14
C THR A 86 5.65 24.31 33.71
N THR A 87 6.73 25.02 33.39
CA THR A 87 6.60 26.37 32.84
C THR A 87 6.24 26.30 31.36
N SER A 88 5.36 27.19 30.93
CA SER A 88 4.99 27.28 29.53
C SER A 88 5.80 28.39 28.84
N GLN A 89 5.08 29.30 28.18
CA GLN A 89 5.63 30.41 27.40
C GLN A 89 5.32 30.25 25.91
N THR A 90 4.44 31.11 25.42
CA THR A 90 4.09 31.13 24.00
C THR A 90 5.07 32.07 23.28
N ILE A 91 5.26 31.86 21.98
CA ILE A 91 6.22 32.66 21.21
C ILE A 91 5.74 32.93 19.78
N LYS A 92 6.23 34.01 19.19
CA LYS A 92 5.93 34.34 17.80
C LYS A 92 6.92 33.62 16.89
N VAL A 93 6.44 33.20 15.72
CA VAL A 93 7.30 32.62 14.70
C VAL A 93 6.77 32.98 13.31
N SER A 94 7.67 33.38 12.43
CA SER A 94 7.33 33.50 11.01
C SER A 94 7.42 32.10 10.39
N PRO A 95 6.46 31.76 9.50
CA PRO A 95 6.42 30.42 8.90
C PRO A 95 7.78 30.01 8.34
N ASP A 96 8.63 31.00 8.12
CA ASP A 96 9.95 30.75 7.55
C ASP A 96 11.03 30.62 8.61
N ASP A 97 10.63 30.68 9.89
CA ASP A 97 11.57 30.53 11.00
C ASP A 97 12.07 29.09 11.13
N THR A 98 13.37 28.89 10.97
CA THR A 98 13.96 27.58 11.18
C THR A 98 13.99 27.21 12.67
N PRO A 99 13.82 25.92 13.00
CA PRO A 99 13.81 25.39 14.37
C PRO A 99 15.11 25.65 15.15
N GLY A 100 16.23 25.72 14.43
CA GLY A 100 17.50 25.96 15.08
C GLY A 100 17.62 27.43 15.45
N ALA A 101 17.00 28.28 14.65
CA ALA A 101 17.01 29.72 14.89
C ALA A 101 15.87 30.13 15.82
N ILE A 102 15.07 29.15 16.23
CA ILE A 102 14.02 29.41 17.20
C ILE A 102 14.59 29.38 18.61
N LEU A 103 15.84 28.92 18.72
CA LEU A 103 16.54 28.95 19.98
C LEU A 103 17.42 30.20 20.13
N GLN A 104 17.91 30.71 19.00
CA GLN A 104 18.50 32.05 18.97
C GLN A 104 17.39 33.08 19.19
N SER A 105 16.20 32.58 19.49
CA SER A 105 15.05 33.40 19.81
C SER A 105 14.47 32.96 21.14
N PHE A 106 15.27 32.24 21.91
CA PHE A 106 14.83 31.71 23.19
C PHE A 106 15.93 31.80 24.24
N PHE A 107 17.18 31.71 23.78
CA PHE A 107 18.33 31.92 24.66
C PHE A 107 18.79 33.37 24.52
N THR A 108 17.94 34.17 23.88
CA THR A 108 18.22 35.58 23.61
C THR A 108 16.95 36.41 23.80
N LYS A 109 15.83 35.86 23.35
CA LYS A 109 14.55 36.56 23.45
C LYS A 109 14.02 36.42 24.87
N MET A 110 14.83 35.86 25.75
CA MET A 110 14.54 35.87 27.19
C MET A 110 15.80 35.59 27.99
N ALA A 111 15.98 36.31 29.10
CA ALA A 111 17.07 36.05 30.04
C ALA A 111 16.56 36.12 31.47
N LYS A 112 15.91 37.24 31.81
CA LYS A 112 15.32 37.42 33.12
C LYS A 112 13.84 37.05 33.12
N ASP A 127 22.86 22.26 22.59
CA ASP A 127 22.54 21.77 23.92
C ASP A 127 21.22 21.00 23.94
N PHE A 128 20.13 21.67 23.56
CA PHE A 128 18.80 21.07 23.61
C PHE A 128 18.08 21.12 22.27
N VAL A 129 17.06 20.27 22.10
CA VAL A 129 16.31 20.21 20.85
C VAL A 129 14.80 20.13 21.11
N LEU A 130 14.01 20.67 20.19
CA LEU A 130 12.56 20.71 20.36
C LEU A 130 11.88 19.38 20.02
N ARG A 131 11.27 18.74 21.00
CA ARG A 131 10.47 17.53 20.77
C ARG A 131 8.99 17.82 20.92
N VAL A 132 8.15 17.18 20.12
CA VAL A 132 6.70 17.39 20.21
C VAL A 132 6.12 16.74 21.46
N CYS A 133 5.17 17.42 22.08
CA CYS A 133 4.56 16.91 23.30
C CYS A 133 3.71 15.67 23.04
N GLY A 134 4.04 14.59 23.73
CA GLY A 134 3.29 13.36 23.62
C GLY A 134 3.80 12.38 22.57
N ARG A 135 4.71 12.82 21.72
CA ARG A 135 5.14 12.01 20.59
C ARG A 135 6.66 11.89 20.48
N ASP A 136 7.12 10.80 19.88
CA ASP A 136 8.53 10.69 19.51
C ASP A 136 8.73 11.38 18.17
N GLU A 137 8.43 12.67 18.13
CA GLU A 137 8.59 13.46 16.92
C GLU A 137 9.33 14.73 17.27
N TYR A 138 10.40 15.01 16.53
CA TYR A 138 11.27 16.16 16.79
C TYR A 138 11.09 17.20 15.69
N LEU A 139 11.62 18.39 15.91
CA LEU A 139 11.66 19.43 14.87
C LEU A 139 13.10 19.84 14.55
N VAL A 140 13.96 18.86 14.32
CA VAL A 140 15.38 19.12 14.14
C VAL A 140 15.69 19.44 12.67
N GLY A 141 16.92 19.90 12.42
CA GLY A 141 17.41 20.03 11.06
C GLY A 141 17.05 21.33 10.35
N GLU A 142 17.80 21.62 9.29
CA GLU A 142 17.66 22.88 8.56
C GLU A 142 16.42 22.93 7.67
N THR A 143 15.25 23.08 8.28
CA THR A 143 14.00 23.16 7.51
C THR A 143 13.19 24.33 8.06
N PRO A 144 12.42 25.03 7.20
CA PRO A 144 11.43 25.96 7.72
C PRO A 144 10.29 25.22 8.42
N ILE A 145 9.81 25.75 9.54
CA ILE A 145 8.86 25.01 10.36
C ILE A 145 7.52 24.87 9.68
N LYS A 146 7.22 25.78 8.74
CA LYS A 146 6.01 25.66 7.93
C LYS A 146 6.07 24.36 7.13
N ASN A 147 7.24 23.72 7.08
CA ASN A 147 7.41 22.53 6.26
C ASN A 147 7.39 21.21 7.05
N PHE A 148 7.44 21.27 8.38
CA PHE A 148 7.23 20.08 9.21
C PHE A 148 5.78 19.59 9.18
N GLN A 149 5.61 18.27 9.07
CA GLN A 149 4.28 17.68 8.95
C GLN A 149 3.42 17.93 10.18
N TRP A 150 4.00 17.77 11.36
CA TRP A 150 3.25 17.93 12.59
C TRP A 150 2.65 19.33 12.67
N VAL A 151 3.47 20.32 12.32
CA VAL A 151 3.03 21.71 12.24
C VAL A 151 1.86 21.86 11.27
N ARG A 152 1.96 21.22 10.12
CA ARG A 152 0.93 21.33 9.09
C ARG A 152 -0.33 20.62 9.51
N HIS A 153 -0.20 19.64 10.40
CA HIS A 153 -1.34 18.90 10.91
C HIS A 153 -2.02 19.69 12.03
N CYS A 154 -1.22 20.38 12.83
CA CYS A 154 -1.77 21.27 13.86
C CYS A 154 -2.49 22.46 13.20
N LEU A 155 -1.92 22.99 12.13
CA LEU A 155 -2.57 24.07 11.39
C LEU A 155 -3.91 23.64 10.78
N LYS A 156 -3.95 22.44 10.22
CA LYS A 156 -5.11 21.99 9.46
C LYS A 156 -6.34 21.80 10.34
N ASN A 157 -6.11 21.32 11.57
CA ASN A 157 -7.22 21.03 12.48
C ASN A 157 -7.25 22.05 13.62
N GLY A 158 -6.70 23.23 13.38
CA GLY A 158 -6.78 24.31 14.35
C GLY A 158 -6.31 23.94 15.75
N GLU A 159 -4.99 23.88 15.92
CA GLU A 159 -4.42 23.39 17.17
C GLU A 159 -3.09 24.05 17.50
N GLU A 160 -2.81 24.15 18.79
CA GLU A 160 -1.58 24.79 19.24
C GLU A 160 -0.41 23.84 19.12
N ILE A 161 0.78 24.40 18.88
CA ILE A 161 1.97 23.59 18.67
C ILE A 161 2.79 23.45 19.95
N HIS A 162 2.67 22.32 20.62
CA HIS A 162 3.37 22.14 21.88
C HIS A 162 4.64 21.33 21.75
N VAL A 163 5.75 21.96 22.13
CA VAL A 163 7.06 21.31 22.12
C VAL A 163 7.62 21.28 23.55
N VAL A 164 8.20 20.15 23.94
CA VAL A 164 8.95 20.09 25.17
C VAL A 164 10.44 20.02 24.88
N LEU A 165 11.10 21.15 24.99
CA LEU A 165 12.55 21.21 24.81
C LEU A 165 13.21 20.17 25.72
N ASP A 166 13.99 19.27 25.13
CA ASP A 166 14.87 18.40 25.92
C ASP A 166 16.05 17.82 25.17
N THR A 167 16.64 16.77 25.74
CA THR A 167 17.94 16.30 25.29
C THR A 167 17.80 15.39 24.08
N PRO A 168 18.63 15.63 23.06
CA PRO A 168 18.66 14.82 21.83
C PRO A 168 19.06 13.37 22.09
N PRO A 169 18.40 12.42 21.40
CA PRO A 169 18.76 11.02 21.59
C PRO A 169 20.17 10.77 21.10
N ASP A 170 20.78 9.68 21.57
CA ASP A 170 22.18 9.42 21.30
C ASP A 170 22.33 8.49 20.10
N PRO A 171 22.94 8.98 19.02
CA PRO A 171 23.10 8.15 17.83
C PRO A 171 23.67 6.80 18.17
N ALA A 172 24.46 6.75 19.23
CA ALA A 172 25.13 5.50 19.61
C ALA A 172 24.13 4.38 19.85
N LEU A 173 22.92 4.74 20.24
CA LEU A 173 21.89 3.74 20.51
C LEU A 173 21.39 3.13 19.21
N ASP A 174 21.71 3.78 18.10
CA ASP A 174 21.33 3.30 16.76
C ASP A 174 22.35 2.32 16.19
N GLU A 175 23.54 2.31 16.79
CA GLU A 175 24.67 1.54 16.30
C GLU A 175 24.28 0.19 15.73
N VAL A 176 24.93 -0.17 14.63
CA VAL A 176 24.69 -1.47 14.00
C VAL A 176 25.78 -2.44 14.44
N ARG A 177 25.37 -3.68 14.73
CA ARG A 177 26.34 -4.70 15.13
C ARG A 177 27.26 -5.05 13.97
N LYS A 178 28.52 -5.36 14.30
CA LYS A 178 29.59 -5.47 13.32
C LYS A 178 29.54 -6.70 12.42
N GLU A 179 29.97 -6.51 11.17
CA GLU A 179 29.81 -7.52 10.13
C GLU A 179 31.10 -8.29 9.83
N GLU A 180 31.07 -9.09 8.78
CA GLU A 180 32.23 -9.85 8.34
C GLU A 180 32.70 -9.41 6.96
N CYS A 215 23.75 -20.98 -29.17
CA CYS A 215 23.54 -22.07 -30.11
C CYS A 215 22.12 -22.03 -30.67
N ASP A 216 21.98 -22.44 -31.93
CA ASP A 216 20.70 -22.38 -32.65
C ASP A 216 19.79 -23.51 -32.21
N ARG A 217 20.33 -24.39 -31.38
CA ARG A 217 19.57 -25.48 -30.79
C ARG A 217 18.27 -24.96 -30.18
N LYS A 218 17.12 -25.41 -30.70
CA LYS A 218 15.84 -25.11 -30.08
C LYS A 218 15.84 -25.58 -28.62
N PHE A 219 15.26 -24.77 -27.73
CA PHE A 219 15.12 -25.14 -26.32
C PHE A 219 14.12 -26.28 -26.16
N ARG A 220 14.37 -27.16 -25.21
CA ARG A 220 13.47 -28.28 -24.97
C ARG A 220 13.48 -28.67 -23.51
N VAL A 221 12.40 -29.34 -23.10
CA VAL A 221 12.29 -29.77 -21.72
C VAL A 221 11.50 -31.07 -21.62
N LYS A 222 12.02 -32.03 -20.86
CA LYS A 222 11.36 -33.31 -20.70
C LYS A 222 10.42 -33.32 -19.51
N ILE A 223 9.17 -33.69 -19.77
CA ILE A 223 8.21 -33.90 -18.70
C ILE A 223 8.26 -35.37 -18.26
N ARG A 224 9.05 -35.67 -17.24
CA ARG A 224 9.07 -37.02 -16.66
C ARG A 224 7.65 -37.43 -16.30
N GLY A 225 6.93 -36.54 -15.64
CA GLY A 225 5.60 -36.87 -15.17
C GLY A 225 5.24 -36.15 -13.89
N ILE A 226 3.99 -36.28 -13.49
CA ILE A 226 3.49 -35.66 -12.27
C ILE A 226 3.10 -36.74 -11.27
N ASP A 227 2.40 -36.34 -10.22
CA ASP A 227 1.93 -37.26 -9.19
C ASP A 227 1.40 -36.51 -7.97
N ILE A 228 0.15 -36.77 -7.66
CA ILE A 228 -0.50 -36.19 -6.49
C ILE A 228 -0.72 -37.34 -5.50
N PRO A 229 -0.35 -37.15 -4.23
CA PRO A 229 -0.63 -38.19 -3.25
C PRO A 229 -2.13 -38.40 -2.97
N VAL A 230 -2.97 -38.11 -3.97
CA VAL A 230 -4.41 -38.37 -3.84
C VAL A 230 -5.26 -37.63 -4.88
N LEU A 231 -6.26 -38.32 -5.44
CA LEU A 231 -7.24 -37.67 -6.31
C LEU A 231 -8.43 -37.21 -5.47
N LEU A 237 -11.32 -38.93 -15.17
CA LEU A 237 -10.51 -37.73 -15.34
C LEU A 237 -9.30 -37.98 -16.24
N THR A 238 -9.01 -37.01 -17.11
CA THR A 238 -7.82 -37.04 -17.96
C THR A 238 -6.96 -35.81 -17.63
N VAL A 239 -5.67 -35.88 -17.90
CA VAL A 239 -4.75 -34.84 -17.43
C VAL A 239 -3.53 -34.62 -18.34
N PHE A 240 -3.32 -33.38 -18.76
CA PHE A 240 -2.13 -33.04 -19.56
C PHE A 240 -1.34 -31.88 -18.98
N VAL A 241 -0.08 -31.80 -19.38
CA VAL A 241 0.83 -30.79 -18.86
C VAL A 241 1.05 -29.70 -19.91
N GLU A 242 0.93 -28.45 -19.48
CA GLU A 242 1.22 -27.33 -20.35
C GLU A 242 2.52 -26.69 -19.93
N ALA A 243 3.39 -26.42 -20.90
CA ALA A 243 4.67 -25.79 -20.63
C ALA A 243 4.84 -24.56 -21.52
N ASN A 244 4.87 -23.39 -20.89
CA ASN A 244 4.93 -22.12 -21.60
C ASN A 244 6.24 -21.44 -21.29
N ILE A 245 6.84 -20.81 -22.29
CA ILE A 245 7.96 -19.91 -22.06
C ILE A 245 7.44 -18.48 -22.06
N GLN A 246 7.42 -17.86 -20.87
CA GLN A 246 6.80 -16.54 -20.68
C GLN A 246 7.81 -15.43 -20.41
N HIS A 247 7.52 -14.25 -20.93
CA HIS A 247 8.28 -13.06 -20.57
C HIS A 247 7.29 -11.92 -20.38
N GLY A 248 7.23 -11.40 -19.15
CA GLY A 248 6.32 -10.31 -18.86
C GLY A 248 4.90 -10.49 -19.31
N GLN A 249 4.28 -11.63 -18.96
CA GLN A 249 2.88 -11.87 -19.28
C GLN A 249 2.71 -12.09 -20.78
N GLN A 250 3.82 -12.01 -21.51
CA GLN A 250 3.88 -12.30 -22.94
C GLN A 250 4.28 -13.79 -23.10
N VAL A 251 3.57 -14.52 -23.96
CA VAL A 251 3.85 -15.94 -24.14
C VAL A 251 4.65 -16.25 -25.40
N LEU A 252 5.93 -16.56 -25.24
CA LEU A 252 6.82 -16.81 -26.36
C LEU A 252 6.48 -18.09 -27.12
N CYS A 253 6.39 -19.20 -26.41
CA CYS A 253 5.94 -20.44 -27.03
C CYS A 253 5.17 -21.31 -26.06
N GLN A 254 4.43 -22.26 -26.61
CA GLN A 254 3.58 -23.14 -25.83
C GLN A 254 3.49 -24.53 -26.46
N ARG A 255 3.82 -25.55 -25.68
CA ARG A 255 3.70 -26.95 -26.08
C ARG A 255 2.80 -27.67 -25.09
N ARG A 256 2.50 -28.94 -25.36
CA ARG A 256 1.66 -29.74 -24.46
C ARG A 256 2.10 -31.20 -24.38
N THR A 257 1.37 -31.97 -23.58
CA THR A 257 1.57 -33.41 -23.53
C THR A 257 0.35 -34.11 -24.10
N SER A 258 0.47 -35.41 -24.30
CA SER A 258 -0.68 -36.23 -24.64
C SER A 258 -1.53 -36.38 -23.39
N PRO A 259 -2.85 -36.38 -23.55
CA PRO A 259 -3.72 -36.63 -22.40
C PRO A 259 -3.47 -38.03 -21.82
N LYS A 260 -3.08 -38.09 -20.55
CA LYS A 260 -2.94 -39.35 -19.83
C LYS A 260 -4.08 -39.48 -18.83
N PRO A 261 -4.32 -40.71 -18.33
CA PRO A 261 -5.39 -40.98 -17.35
C PRO A 261 -5.09 -40.40 -15.98
N PHE A 262 -6.02 -39.62 -15.42
CA PHE A 262 -5.76 -38.94 -14.16
C PHE A 262 -5.71 -39.91 -12.99
N THR A 263 -4.50 -40.33 -12.63
CA THR A 263 -4.27 -41.24 -11.52
C THR A 263 -3.15 -40.76 -10.62
N GLU A 264 -3.13 -41.28 -9.40
CA GLU A 264 -2.21 -40.83 -8.36
C GLU A 264 -0.78 -40.66 -8.88
N GLU A 265 -0.45 -41.37 -9.96
CA GLU A 265 0.82 -41.14 -10.64
C GLU A 265 0.64 -41.15 -12.15
N VAL A 266 1.33 -40.24 -12.83
CA VAL A 266 1.29 -40.16 -14.29
C VAL A 266 2.68 -39.85 -14.85
N LEU A 267 3.13 -40.69 -15.76
CA LEU A 267 4.44 -40.55 -16.37
C LEU A 267 4.30 -40.31 -17.88
N TRP A 268 5.28 -39.63 -18.47
CA TRP A 268 5.23 -39.25 -19.88
C TRP A 268 6.57 -39.55 -20.54
N ASN A 269 7.64 -39.16 -19.87
CA ASN A 269 9.00 -39.30 -20.38
C ASN A 269 9.12 -38.77 -21.82
N VAL A 270 8.36 -37.72 -22.12
CA VAL A 270 8.40 -37.07 -23.45
C VAL A 270 9.37 -35.90 -23.48
N TRP A 271 9.84 -35.56 -24.67
CA TRP A 271 10.53 -34.29 -24.87
C TRP A 271 9.60 -33.31 -25.56
N LEU A 272 9.35 -32.19 -24.90
CA LEU A 272 8.61 -31.09 -25.49
C LEU A 272 9.61 -30.11 -26.05
N GLU A 273 9.73 -30.10 -27.38
CA GLU A 273 10.65 -29.17 -28.05
C GLU A 273 9.91 -27.88 -28.35
N PHE A 274 10.52 -26.75 -28.00
CA PHE A 274 9.90 -25.47 -28.27
C PHE A 274 10.42 -24.90 -29.58
N SER A 275 9.65 -23.99 -30.16
CA SER A 275 10.04 -23.25 -31.36
C SER A 275 10.68 -21.92 -30.95
N ILE A 276 11.63 -21.99 -30.02
CA ILE A 276 12.46 -20.84 -29.68
C ILE A 276 13.89 -21.35 -29.63
N LYS A 277 14.81 -20.59 -30.19
CA LYS A 277 16.21 -20.97 -30.05
C LYS A 277 16.69 -20.71 -28.63
N ILE A 278 17.67 -21.49 -28.20
CA ILE A 278 18.33 -21.30 -26.91
C ILE A 278 18.86 -19.88 -26.85
N LYS A 279 19.40 -19.43 -27.97
CA LYS A 279 20.03 -18.13 -28.02
C LYS A 279 19.02 -16.98 -28.04
N ASP A 280 17.74 -17.29 -28.08
CA ASP A 280 16.73 -16.25 -28.08
C ASP A 280 15.99 -16.12 -26.75
N LEU A 281 16.33 -16.96 -25.78
CA LEU A 281 15.77 -16.80 -24.44
C LEU A 281 16.31 -15.51 -23.84
N PRO A 282 15.39 -14.61 -23.45
CA PRO A 282 15.72 -13.38 -22.73
C PRO A 282 15.84 -13.66 -21.23
N LYS A 283 16.74 -12.97 -20.55
CA LYS A 283 16.82 -13.12 -19.12
C LYS A 283 15.47 -12.79 -18.51
N GLY A 284 15.11 -13.47 -17.42
CA GLY A 284 13.83 -13.23 -16.81
C GLY A 284 12.68 -13.96 -17.50
N ALA A 285 12.97 -14.80 -18.48
CA ALA A 285 11.95 -15.67 -19.06
C ALA A 285 11.66 -16.84 -18.14
N LEU A 286 10.38 -17.20 -18.02
CA LEU A 286 9.94 -18.28 -17.14
C LEU A 286 9.50 -19.49 -17.94
N LEU A 287 10.04 -20.66 -17.60
CA LEU A 287 9.32 -21.89 -17.90
C LEU A 287 8.14 -21.96 -16.95
N ASN A 288 6.93 -21.91 -17.49
CA ASN A 288 5.70 -21.95 -16.70
C ASN A 288 4.98 -23.27 -16.91
N LEU A 289 4.96 -24.13 -15.89
CA LEU A 289 4.33 -25.44 -16.01
C LEU A 289 2.93 -25.49 -15.38
N GLN A 290 1.94 -25.92 -16.15
CA GLN A 290 0.54 -25.96 -15.73
C GLN A 290 -0.15 -27.31 -16.03
N ILE A 291 -1.25 -27.58 -15.33
CA ILE A 291 -1.87 -28.90 -15.36
C ILE A 291 -3.39 -28.84 -15.41
N TYR A 292 -3.97 -29.29 -16.52
CA TYR A 292 -5.41 -29.16 -16.75
C TYR A 292 -6.13 -30.50 -16.68
N CYS A 293 -7.45 -30.46 -16.80
CA CYS A 293 -8.23 -31.69 -16.88
C CYS A 293 -9.60 -31.41 -17.48
N LEU A 318 -7.73 -26.36 -15.35
CA LEU A 318 -6.49 -25.88 -14.74
C LEU A 318 -6.46 -26.11 -13.23
N LEU A 319 -5.55 -26.96 -12.77
CA LEU A 319 -5.53 -27.38 -11.38
C LEU A 319 -4.27 -26.97 -10.63
N TYR A 320 -3.14 -26.90 -11.31
CA TYR A 320 -1.88 -26.59 -10.65
C TYR A 320 -0.89 -25.89 -11.59
N TYR A 321 -0.07 -25.01 -11.02
CA TYR A 321 1.00 -24.37 -11.76
C TYR A 321 2.24 -24.33 -10.89
N VAL A 322 3.40 -24.16 -11.52
CA VAL A 322 4.61 -23.78 -10.82
C VAL A 322 5.51 -23.14 -11.86
N ASN A 323 6.53 -22.40 -11.41
CA ASN A 323 7.42 -21.71 -12.34
C ASN A 323 8.89 -21.96 -12.06
N LEU A 324 9.70 -21.77 -13.08
CA LEU A 324 11.14 -21.84 -12.94
C LEU A 324 11.79 -20.88 -13.92
N LEU A 325 12.68 -20.02 -13.42
CA LEU A 325 13.44 -19.13 -14.27
C LEU A 325 14.39 -19.93 -15.16
N LEU A 326 14.27 -19.75 -16.48
CA LEU A 326 15.14 -20.44 -17.43
C LEU A 326 16.57 -19.89 -17.34
N ILE A 327 16.73 -18.57 -17.36
CA ILE A 327 18.03 -18.01 -17.04
C ILE A 327 18.08 -17.68 -15.55
N ASP A 328 19.22 -17.91 -14.90
CA ASP A 328 19.26 -17.79 -13.46
C ASP A 328 19.99 -16.55 -12.95
N HIS A 329 20.05 -16.41 -11.62
CA HIS A 329 20.60 -15.22 -11.01
C HIS A 329 22.07 -15.00 -11.37
N ARG A 330 22.70 -16.06 -11.89
CA ARG A 330 24.06 -15.95 -12.41
C ARG A 330 24.14 -16.08 -13.94
N PHE A 331 23.00 -15.90 -14.60
CA PHE A 331 22.97 -15.82 -16.06
C PHE A 331 23.23 -17.19 -16.70
N LEU A 332 22.93 -18.25 -15.96
CA LEU A 332 23.18 -19.59 -16.49
C LEU A 332 21.92 -20.20 -17.05
N LEU A 333 22.01 -20.83 -18.21
CA LEU A 333 20.92 -21.68 -18.67
C LEU A 333 20.69 -22.75 -17.61
N ARG A 334 19.44 -22.94 -17.24
CA ARG A 334 19.09 -23.90 -16.20
C ARG A 334 19.19 -25.33 -16.70
N ARG A 335 20.04 -26.12 -16.05
CA ARG A 335 20.20 -27.53 -16.40
C ARG A 335 20.08 -28.45 -15.20
N GLY A 336 19.69 -29.69 -15.46
CA GLY A 336 19.61 -30.68 -14.40
C GLY A 336 18.23 -31.28 -14.26
N GLU A 337 18.04 -32.00 -13.16
CA GLU A 337 16.73 -32.53 -12.80
C GLU A 337 16.11 -31.63 -11.72
N TYR A 338 14.80 -31.43 -11.81
CA TYR A 338 14.09 -30.65 -10.82
C TYR A 338 12.83 -31.40 -10.47
N VAL A 339 12.48 -31.38 -9.18
CA VAL A 339 11.20 -31.93 -8.73
C VAL A 339 10.46 -30.81 -7.99
N LEU A 340 9.49 -30.21 -8.67
CA LEU A 340 8.88 -28.99 -8.19
C LEU A 340 7.49 -29.27 -7.64
N HIS A 341 7.21 -28.83 -6.43
CA HIS A 341 5.88 -28.97 -5.86
C HIS A 341 5.01 -27.75 -6.16
N MET A 342 3.71 -27.99 -6.38
CA MET A 342 2.87 -27.06 -7.13
C MET A 342 1.72 -26.41 -6.34
N TRP A 343 1.37 -25.20 -6.80
CA TRP A 343 0.29 -24.42 -6.22
C TRP A 343 -1.05 -24.82 -6.81
N GLN A 344 -2.08 -24.83 -5.97
CA GLN A 344 -3.42 -25.12 -6.45
C GLN A 344 -4.17 -23.83 -6.79
N ILE A 345 -5.02 -23.89 -7.78
CA ILE A 345 -5.98 -22.81 -8.01
C ILE A 345 -7.08 -22.90 -6.95
N SER A 346 -8.01 -21.95 -6.96
CA SER A 346 -9.17 -22.00 -6.07
C SER A 346 -10.26 -21.04 -6.52
N GLY A 347 -11.46 -21.21 -5.97
CA GLY A 347 -12.55 -20.29 -6.23
C GLY A 347 -13.29 -20.61 -7.52
N PHE A 355 -4.19 -13.63 -14.01
CA PHE A 355 -5.03 -12.85 -13.13
C PHE A 355 -4.25 -12.15 -12.03
N ASN A 356 -3.66 -12.91 -11.10
CA ASN A 356 -2.98 -12.27 -9.98
C ASN A 356 -1.52 -12.65 -9.77
N ALA A 357 -0.89 -11.92 -8.85
CA ALA A 357 0.54 -11.91 -8.67
C ALA A 357 1.17 -13.23 -8.23
N ASP A 358 0.50 -13.95 -7.35
CA ASP A 358 0.99 -15.26 -6.92
C ASP A 358 1.35 -16.12 -8.11
N LYS A 359 0.53 -16.09 -9.15
CA LYS A 359 0.73 -17.01 -10.25
C LYS A 359 2.06 -16.82 -10.95
N LEU A 360 2.77 -15.74 -10.61
CA LEU A 360 4.06 -15.44 -11.23
C LEU A 360 5.29 -15.85 -10.42
N THR A 361 5.08 -16.41 -9.24
CA THR A 361 6.18 -16.55 -8.27
C THR A 361 7.27 -17.50 -8.75
N SER A 362 8.51 -17.30 -8.33
CA SER A 362 9.56 -18.29 -8.65
C SER A 362 9.68 -19.29 -7.51
N ALA A 363 8.72 -19.24 -6.59
CA ALA A 363 8.76 -20.07 -5.40
C ALA A 363 7.87 -21.29 -5.52
N THR A 364 8.42 -22.44 -5.12
CA THR A 364 7.68 -23.69 -5.12
C THR A 364 6.98 -23.89 -3.79
N ASN A 365 5.92 -24.68 -3.79
CA ASN A 365 5.19 -24.93 -2.58
C ASN A 365 6.12 -25.51 -1.47
N PRO A 366 5.94 -25.06 -0.23
CA PRO A 366 6.67 -25.60 0.93
C PRO A 366 6.06 -26.91 1.42
N ASP A 367 4.75 -27.03 1.21
CA ASP A 367 3.95 -28.12 1.73
C ASP A 367 4.13 -29.37 0.88
N LYS A 368 5.27 -30.03 1.02
CA LYS A 368 5.64 -31.16 0.18
C LYS A 368 4.75 -32.39 0.41
N GLU A 369 4.03 -32.39 1.54
CA GLU A 369 3.19 -33.53 1.90
C GLU A 369 1.89 -33.60 1.11
N ASN A 370 1.27 -32.44 0.89
CA ASN A 370 -0.03 -32.40 0.25
C ASN A 370 0.09 -32.04 -1.22
N SER A 371 1.11 -31.26 -1.54
CA SER A 371 1.24 -30.67 -2.87
C SER A 371 1.52 -31.68 -3.96
N MET A 372 0.66 -31.69 -4.97
CA MET A 372 1.00 -32.25 -6.27
C MET A 372 2.34 -31.67 -6.68
N SER A 373 3.17 -32.48 -7.32
CA SER A 373 4.43 -31.99 -7.86
C SER A 373 4.57 -32.41 -9.30
N ILE A 374 5.76 -32.19 -9.85
CA ILE A 374 6.03 -32.53 -11.23
C ILE A 374 7.54 -32.60 -11.40
N SER A 375 7.98 -33.51 -12.26
CA SER A 375 9.41 -33.77 -12.44
C SER A 375 9.75 -33.51 -13.90
N ILE A 376 10.94 -32.97 -14.13
CA ILE A 376 11.33 -32.51 -15.46
C ILE A 376 12.85 -32.65 -15.62
N LEU A 377 13.33 -32.42 -16.84
CA LEU A 377 14.75 -32.49 -17.13
C LEU A 377 15.24 -31.47 -18.16
N LEU A 378 16.31 -30.77 -17.82
CA LEU A 378 16.96 -29.82 -18.72
C LEU A 378 18.42 -30.18 -18.94
N ASP A 379 18.80 -30.48 -20.18
CA ASP A 379 20.20 -30.40 -20.59
C ASP A 379 20.30 -29.89 -22.03
N ASN A 380 21.21 -28.96 -22.27
CA ASN A 380 21.29 -28.28 -23.57
C ASN A 380 22.72 -28.13 -24.09
N HIS A 383 26.44 -22.34 -19.51
CA HIS A 383 26.31 -21.83 -20.87
C HIS A 383 26.34 -20.30 -20.91
N PRO A 384 27.02 -19.74 -21.91
CA PRO A 384 27.21 -18.29 -22.00
C PRO A 384 25.89 -17.53 -22.04
N ILE A 385 25.97 -16.21 -21.91
CA ILE A 385 24.83 -15.35 -22.25
C ILE A 385 25.25 -14.06 -22.97
N ALA A 386 24.78 -13.91 -24.21
CA ALA A 386 24.97 -12.68 -24.99
C ALA A 386 24.15 -12.69 -26.29
N ARG A 402 14.79 7.35 -37.12
CA ARG A 402 15.87 8.33 -37.07
C ARG A 402 15.74 9.34 -38.22
N ALA A 403 14.68 9.20 -39.02
CA ALA A 403 14.44 10.09 -40.15
C ALA A 403 13.19 10.94 -39.98
N GLU A 404 12.39 11.05 -41.04
CA GLU A 404 11.19 11.89 -41.02
C GLU A 404 9.93 11.05 -40.89
N MET A 405 8.78 11.65 -41.19
CA MET A 405 7.50 11.01 -40.89
C MET A 405 6.33 11.71 -41.59
N PRO A 406 5.51 10.93 -42.32
CA PRO A 406 4.22 11.37 -42.86
C PRO A 406 3.32 11.99 -41.79
N ASN A 407 2.40 12.86 -42.22
CA ASN A 407 1.51 13.50 -41.27
C ASN A 407 0.55 12.50 -40.61
N GLN A 408 -0.04 11.64 -41.42
CA GLN A 408 -1.04 10.70 -40.92
C GLN A 408 -0.42 9.73 -39.92
N LEU A 409 0.83 9.34 -40.16
CA LEU A 409 1.53 8.38 -39.31
C LEU A 409 1.86 9.01 -37.97
N ARG A 410 2.31 10.27 -38.01
CA ARG A 410 2.69 10.96 -36.79
C ARG A 410 1.50 11.10 -35.88
N LYS A 411 0.36 11.49 -36.44
CA LYS A 411 -0.86 11.64 -35.68
C LYS A 411 -1.41 10.28 -35.23
N GLN A 412 -1.21 9.25 -36.03
CA GLN A 412 -1.65 7.93 -35.60
C GLN A 412 -0.79 7.54 -34.42
N LEU A 413 0.49 7.86 -34.49
CA LEU A 413 1.42 7.58 -33.41
C LEU A 413 1.08 8.40 -32.18
N GLU A 414 0.74 9.67 -32.39
CA GLU A 414 0.34 10.57 -31.30
C GLU A 414 -0.89 10.05 -30.56
N ALA A 415 -1.82 9.47 -31.31
CA ALA A 415 -3.08 8.98 -30.73
C ALA A 415 -2.87 7.68 -29.95
N ILE A 416 -1.74 7.01 -30.18
CA ILE A 416 -1.35 5.85 -29.38
C ILE A 416 -0.70 6.30 -28.08
N ILE A 417 0.25 7.23 -28.17
CA ILE A 417 1.00 7.67 -27.01
C ILE A 417 0.02 8.19 -25.97
N ALA A 418 -1.05 8.78 -26.47
CA ALA A 418 -1.99 9.52 -25.63
C ALA A 418 -2.92 8.64 -24.79
N THR A 419 -3.42 7.55 -25.37
CA THR A 419 -4.37 6.70 -24.67
C THR A 419 -3.85 6.13 -23.35
N ASP A 420 -4.77 5.69 -22.50
CA ASP A 420 -4.44 5.32 -21.12
C ASP A 420 -3.71 3.98 -21.06
N PRO A 421 -3.25 3.58 -19.86
CA PRO A 421 -2.38 2.41 -19.72
C PRO A 421 -3.09 1.09 -20.00
N LEU A 422 -4.42 1.12 -19.98
CA LEU A 422 -5.21 -0.09 -20.14
C LEU A 422 -5.79 -0.27 -21.54
N ASN A 423 -5.66 0.73 -22.40
CA ASN A 423 -6.11 0.57 -23.77
C ASN A 423 -5.18 -0.39 -24.52
N PRO A 424 -5.73 -1.50 -25.02
CA PRO A 424 -4.91 -2.60 -25.54
C PRO A 424 -4.16 -2.16 -26.79
N LEU A 425 -3.00 -2.75 -27.04
CA LEU A 425 -2.28 -2.47 -28.26
C LEU A 425 -2.46 -3.57 -29.27
N THR A 426 -3.03 -3.20 -30.40
CA THR A 426 -3.03 -4.03 -31.60
C THR A 426 -1.64 -4.28 -32.19
N ALA A 427 -1.50 -5.34 -32.97
CA ALA A 427 -0.28 -5.60 -33.71
C ALA A 427 0.17 -4.42 -34.60
N GLU A 428 -0.77 -3.83 -35.33
CA GLU A 428 -0.47 -2.68 -36.18
C GLU A 428 0.05 -1.52 -35.33
N ASP A 429 -0.57 -1.29 -34.17
CA ASP A 429 -0.05 -0.30 -33.21
C ASP A 429 1.39 -0.60 -32.82
N LYS A 430 1.68 -1.85 -32.44
CA LYS A 430 3.00 -2.24 -31.95
C LYS A 430 4.07 -2.09 -33.03
N GLU A 431 3.78 -2.59 -34.22
CA GLU A 431 4.77 -2.50 -35.29
C GLU A 431 5.08 -1.04 -35.60
N LEU A 432 4.08 -0.19 -35.40
CA LEU A 432 4.21 1.24 -35.70
C LEU A 432 5.10 1.91 -34.64
N LEU A 433 4.90 1.57 -33.36
CA LEU A 433 5.76 2.06 -32.28
C LEU A 433 7.20 1.59 -32.52
N TRP A 434 7.37 0.32 -32.89
CA TRP A 434 8.70 -0.24 -33.02
C TRP A 434 9.45 0.49 -34.14
N HIS A 435 8.84 0.49 -35.32
CA HIS A 435 9.47 1.05 -36.51
C HIS A 435 9.87 2.51 -36.30
N PHE A 436 9.02 3.27 -35.61
CA PHE A 436 9.37 4.66 -35.28
C PHE A 436 9.78 4.78 -33.83
N ARG A 437 10.57 3.83 -33.36
CA ARG A 437 10.96 3.84 -31.97
C ARG A 437 11.74 5.09 -31.60
N TYR A 438 12.56 5.60 -32.51
CA TYR A 438 13.41 6.74 -32.18
C TYR A 438 12.65 8.04 -32.00
N GLU A 439 11.58 8.23 -32.76
CA GLU A 439 10.64 9.30 -32.45
C GLU A 439 9.90 8.99 -31.16
N SER A 440 9.67 7.71 -30.89
CA SER A 440 8.89 7.32 -29.72
C SER A 440 9.64 7.60 -28.44
N LEU A 441 10.96 7.63 -28.53
CA LEU A 441 11.83 7.80 -27.36
C LEU A 441 11.86 9.26 -26.88
N LYS A 442 11.45 10.17 -27.75
CA LYS A 442 11.38 11.59 -27.37
C LYS A 442 10.27 11.88 -26.35
N HIS A 443 9.37 10.92 -26.16
CA HIS A 443 8.21 11.12 -25.30
C HIS A 443 8.21 10.12 -24.16
N PRO A 444 8.53 10.57 -22.94
CA PRO A 444 8.52 9.61 -21.82
C PRO A 444 7.20 8.85 -21.72
N LYS A 445 6.11 9.50 -22.10
CA LYS A 445 4.80 8.85 -22.11
C LYS A 445 4.73 7.63 -23.03
N ALA A 446 5.61 7.57 -24.02
CA ALA A 446 5.61 6.46 -24.95
C ALA A 446 6.25 5.20 -24.37
N TYR A 447 7.01 5.32 -23.30
CA TYR A 447 7.91 4.24 -22.92
C TYR A 447 7.20 2.95 -22.50
N PRO A 448 6.05 3.05 -21.81
CA PRO A 448 5.39 1.75 -21.53
C PRO A 448 4.96 1.03 -22.78
N LYS A 449 4.42 1.75 -23.76
CA LYS A 449 3.84 1.08 -24.92
C LYS A 449 4.90 0.65 -25.93
N LEU A 450 5.91 1.50 -26.10
CA LEU A 450 7.05 1.18 -26.95
C LEU A 450 7.74 -0.08 -26.42
N PHE A 451 7.98 -0.17 -25.12
CA PHE A 451 8.65 -1.36 -24.59
C PHE A 451 7.76 -2.59 -24.51
N SER A 452 6.44 -2.40 -24.62
CA SER A 452 5.51 -3.51 -24.85
C SER A 452 5.42 -3.89 -26.32
N SER A 453 6.11 -3.16 -27.18
CA SER A 453 6.09 -3.50 -28.61
C SER A 453 7.25 -4.42 -28.94
N VAL A 454 8.13 -4.64 -27.97
CA VAL A 454 9.35 -5.39 -28.20
C VAL A 454 9.07 -6.89 -28.20
N LYS A 455 9.49 -7.53 -29.28
CA LYS A 455 9.51 -8.99 -29.34
C LYS A 455 10.70 -9.45 -28.49
N TRP A 456 10.43 -9.85 -27.26
CA TRP A 456 11.48 -10.19 -26.31
C TRP A 456 12.06 -11.58 -26.59
N GLY A 457 11.31 -12.40 -27.32
CA GLY A 457 11.81 -13.68 -27.76
C GLY A 457 12.87 -13.62 -28.87
N GLN A 458 13.30 -12.43 -29.26
CA GLN A 458 14.28 -12.33 -30.34
C GLN A 458 15.55 -11.61 -29.96
N GLN A 459 16.64 -12.37 -29.82
CA GLN A 459 17.94 -11.82 -29.41
C GLN A 459 18.25 -10.47 -30.04
N GLU A 460 18.20 -10.40 -31.36
CA GLU A 460 18.64 -9.20 -32.08
C GLU A 460 17.74 -7.98 -31.80
N ILE A 461 16.44 -8.22 -31.64
CA ILE A 461 15.51 -7.15 -31.29
C ILE A 461 15.83 -6.60 -29.89
N VAL A 462 15.98 -7.50 -28.93
CA VAL A 462 16.30 -7.12 -27.55
C VAL A 462 17.56 -6.30 -27.60
N ALA A 463 18.49 -6.75 -28.43
CA ALA A 463 19.76 -6.07 -28.67
C ALA A 463 19.55 -4.60 -29.02
N LYS A 464 18.66 -4.34 -29.99
CA LYS A 464 18.38 -2.99 -30.45
C LYS A 464 17.64 -2.20 -29.38
N THR A 465 16.80 -2.91 -28.62
CA THR A 465 16.09 -2.30 -27.51
C THR A 465 17.09 -1.72 -26.52
N TYR A 466 18.09 -2.52 -26.14
CA TYR A 466 19.16 -2.00 -25.30
C TYR A 466 19.91 -0.84 -25.97
N GLN A 467 20.13 -0.94 -27.27
CA GLN A 467 20.60 0.23 -28.03
C GLN A 467 19.74 1.44 -27.73
N LEU A 468 18.42 1.25 -27.75
CA LEU A 468 17.46 2.33 -27.51
C LEU A 468 17.62 2.91 -26.10
N LEU A 469 17.76 2.03 -25.12
CA LEU A 469 17.83 2.44 -23.73
C LEU A 469 19.07 3.30 -23.46
N ALA A 470 20.12 3.06 -24.23
CA ALA A 470 21.36 3.81 -24.08
C ALA A 470 21.17 5.28 -24.47
N ARG A 471 20.13 5.57 -25.25
CA ARG A 471 19.85 6.93 -25.70
C ARG A 471 18.67 7.53 -24.93
N ARG A 472 18.82 7.68 -23.63
CA ARG A 472 17.69 7.80 -22.73
C ARG A 472 17.53 9.22 -22.13
N GLU A 473 18.22 10.18 -22.72
CA GLU A 473 18.34 11.50 -22.13
C GLU A 473 17.03 12.23 -21.88
N VAL A 474 16.05 12.10 -22.79
CA VAL A 474 14.78 12.79 -22.61
C VAL A 474 14.06 12.23 -21.39
N TRP A 475 14.06 10.90 -21.28
CA TRP A 475 13.61 10.25 -20.06
C TRP A 475 14.41 10.76 -18.84
N ASP A 476 15.74 10.67 -18.93
CA ASP A 476 16.62 11.06 -17.81
C ASP A 476 16.41 12.49 -17.35
N GLN A 477 15.97 13.35 -18.26
CA GLN A 477 15.91 14.78 -17.99
C GLN A 477 14.51 15.25 -17.61
N SER A 478 13.53 14.37 -17.81
CA SER A 478 12.13 14.73 -17.60
C SER A 478 11.83 14.74 -16.10
N ALA A 479 10.83 15.54 -15.71
CA ALA A 479 10.43 15.59 -14.32
C ALA A 479 9.81 14.25 -13.93
N LEU A 480 9.98 13.86 -12.67
CA LEU A 480 9.49 12.57 -12.19
C LEU A 480 7.97 12.48 -12.31
N ASP A 481 7.50 11.42 -12.97
CA ASP A 481 6.08 11.14 -13.13
C ASP A 481 5.85 9.74 -12.58
N VAL A 482 5.27 9.67 -11.38
CA VAL A 482 5.20 8.41 -10.65
C VAL A 482 4.32 7.37 -11.32
N GLY A 483 3.28 7.85 -11.98
CA GLY A 483 2.35 6.97 -12.64
C GLY A 483 2.99 6.30 -13.84
N LEU A 484 3.73 7.08 -14.60
CA LEU A 484 4.52 6.57 -15.71
C LEU A 484 5.48 5.55 -15.12
N THR A 485 6.09 5.93 -14.02
CA THR A 485 7.09 5.11 -13.39
C THR A 485 6.50 3.79 -12.84
N MET A 486 5.32 3.86 -12.22
CA MET A 486 4.72 2.65 -11.68
C MET A 486 4.47 1.64 -12.80
N GLN A 487 4.14 2.12 -14.00
CA GLN A 487 3.71 1.24 -15.07
C GLN A 487 4.84 0.34 -15.61
N LEU A 488 6.08 0.80 -15.49
CA LEU A 488 7.23 0.00 -15.90
C LEU A 488 7.58 -1.02 -14.81
N LEU A 489 6.95 -0.92 -13.64
CA LEU A 489 7.17 -1.88 -12.56
C LEU A 489 6.05 -2.91 -12.40
N ASP A 490 5.09 -2.92 -13.31
CA ASP A 490 3.98 -3.83 -13.12
C ASP A 490 4.32 -5.15 -13.78
N CYS A 491 3.31 -5.99 -14.00
CA CYS A 491 3.56 -7.37 -14.39
C CYS A 491 3.88 -7.47 -15.88
N ASN A 492 3.69 -6.38 -16.60
CA ASN A 492 3.95 -6.35 -18.03
C ASN A 492 5.42 -6.22 -18.42
N PHE A 493 6.31 -6.06 -17.44
CA PHE A 493 7.72 -5.86 -17.75
C PHE A 493 8.65 -6.78 -16.95
N SER A 494 9.34 -7.65 -17.66
CA SER A 494 10.24 -8.60 -17.05
C SER A 494 11.71 -8.23 -17.29
N ASP A 495 11.97 -7.37 -18.26
CA ASP A 495 13.36 -7.00 -18.52
C ASP A 495 13.94 -6.13 -17.40
N GLU A 496 15.14 -6.46 -16.95
CA GLU A 496 15.74 -5.77 -15.81
C GLU A 496 16.13 -4.34 -16.12
N ASN A 497 16.62 -4.11 -17.33
CA ASN A 497 17.08 -2.78 -17.70
C ASN A 497 15.93 -1.80 -17.87
N VAL A 498 14.78 -2.28 -18.34
CA VAL A 498 13.60 -1.43 -18.38
C VAL A 498 13.17 -1.14 -16.95
N ARG A 499 12.89 -2.19 -16.19
CA ARG A 499 12.46 -1.94 -14.83
C ARG A 499 13.42 -0.98 -14.14
N ALA A 500 14.72 -1.17 -14.29
CA ALA A 500 15.67 -0.39 -13.50
C ALA A 500 15.67 1.10 -13.86
N ILE A 501 15.25 1.47 -15.06
CA ILE A 501 15.17 2.90 -15.34
C ILE A 501 13.95 3.50 -14.67
N ALA A 502 12.96 2.69 -14.32
CA ALA A 502 11.86 3.24 -13.55
C ALA A 502 12.35 3.52 -12.13
N VAL A 503 13.13 2.60 -11.59
CA VAL A 503 13.67 2.70 -10.23
C VAL A 503 14.64 3.85 -10.09
N GLN A 504 15.46 4.04 -11.13
CA GLN A 504 16.30 5.22 -11.23
C GLN A 504 15.46 6.50 -11.10
N LYS A 505 14.26 6.47 -11.66
CA LYS A 505 13.43 7.67 -11.65
C LYS A 505 12.87 7.94 -10.25
N LEU A 506 12.72 6.86 -9.47
CA LEU A 506 12.20 6.93 -8.09
C LEU A 506 13.24 7.43 -7.08
N GLU A 507 14.53 7.29 -7.42
CA GLU A 507 15.61 7.66 -6.51
C GLU A 507 15.49 9.10 -6.14
N SER A 508 14.75 9.86 -6.96
CA SER A 508 14.68 11.28 -6.74
C SER A 508 13.52 11.66 -5.84
N LEU A 509 12.66 10.69 -5.52
CA LEU A 509 11.60 10.93 -4.53
C LEU A 509 12.20 11.27 -3.16
N GLU A 510 11.75 12.37 -2.58
CA GLU A 510 12.01 12.65 -1.16
C GLU A 510 11.11 11.82 -0.23
N ASP A 511 11.58 11.61 1.01
CA ASP A 511 10.92 10.75 1.98
C ASP A 511 9.39 10.85 2.03
N ASP A 512 8.89 12.07 1.94
CA ASP A 512 7.46 12.35 1.99
C ASP A 512 6.71 11.45 1.03
N ASP A 513 7.09 11.55 -0.25
CA ASP A 513 6.47 10.80 -1.33
C ASP A 513 6.78 9.31 -1.32
N VAL A 514 7.97 8.93 -0.86
CA VAL A 514 8.25 7.50 -0.69
C VAL A 514 7.19 6.88 0.20
N LEU A 515 6.81 7.57 1.27
CA LEU A 515 5.77 7.08 2.18
C LEU A 515 4.37 7.00 1.56
N HIS A 516 4.05 7.86 0.59
CA HIS A 516 2.80 7.70 -0.13
C HIS A 516 2.71 6.42 -0.97
N TYR A 517 3.84 6.01 -1.55
CA TYR A 517 3.80 4.88 -2.48
C TYR A 517 4.50 3.67 -1.94
N LEU A 518 4.89 3.72 -0.68
CA LEU A 518 5.69 2.64 -0.12
C LEU A 518 4.92 1.32 -0.14
N LEU A 519 3.64 1.39 0.23
CA LEU A 519 2.86 0.15 0.35
C LEU A 519 2.84 -0.54 -0.99
N GLN A 520 2.58 0.21 -2.06
CA GLN A 520 2.50 -0.44 -3.37
C GLN A 520 3.84 -0.69 -4.09
N LEU A 521 4.90 0.03 -3.70
CA LEU A 521 6.26 -0.31 -4.16
C LEU A 521 6.68 -1.68 -3.58
N VAL A 522 6.47 -1.86 -2.28
CA VAL A 522 6.59 -3.18 -1.66
C VAL A 522 5.71 -4.26 -2.33
N GLN A 523 4.47 -3.95 -2.70
CA GLN A 523 3.68 -4.99 -3.38
C GLN A 523 4.27 -5.22 -4.77
N ALA A 524 4.88 -4.19 -5.33
CA ALA A 524 5.38 -4.30 -6.70
C ALA A 524 6.54 -5.30 -6.81
N VAL A 525 7.14 -5.64 -5.68
CA VAL A 525 8.22 -6.61 -5.64
C VAL A 525 7.79 -7.97 -6.17
N LYS A 526 6.49 -8.23 -6.11
CA LYS A 526 5.96 -9.50 -6.59
C LYS A 526 6.06 -9.59 -8.11
N PHE A 527 6.29 -8.46 -8.76
CA PHE A 527 6.40 -8.46 -10.21
C PHE A 527 7.86 -8.67 -10.66
N GLU A 528 8.82 -8.44 -9.78
CA GLU A 528 10.24 -8.74 -10.04
C GLU A 528 10.48 -10.20 -10.39
N PRO A 529 11.11 -10.46 -11.53
CA PRO A 529 11.53 -11.81 -11.86
C PRO A 529 12.50 -12.42 -10.84
N TYR A 530 13.47 -11.65 -10.37
CA TYR A 530 14.52 -12.14 -9.46
C TYR A 530 14.43 -11.48 -8.09
N HIS A 531 15.02 -12.15 -7.08
CA HIS A 531 14.98 -11.68 -5.69
C HIS A 531 15.77 -10.42 -5.44
N ASP A 532 16.96 -10.34 -6.01
CA ASP A 532 17.69 -9.10 -5.89
C ASP A 532 17.37 -8.27 -7.12
N SER A 533 16.79 -7.10 -6.88
CA SER A 533 16.44 -6.19 -7.95
C SER A 533 16.75 -4.79 -7.48
N ALA A 534 16.83 -3.88 -8.44
CA ALA A 534 16.95 -2.47 -8.15
C ALA A 534 15.83 -1.94 -7.23
N LEU A 535 14.63 -2.53 -7.31
CA LEU A 535 13.50 -2.05 -6.53
C LEU A 535 13.59 -2.58 -5.11
N ALA A 536 13.93 -3.85 -4.98
CA ALA A 536 14.15 -4.42 -3.65
C ALA A 536 15.32 -3.75 -2.92
N ARG A 537 16.33 -3.33 -3.67
CA ARG A 537 17.46 -2.64 -3.04
C ARG A 537 17.11 -1.19 -2.77
N PHE A 538 16.28 -0.62 -3.63
CA PHE A 538 15.83 0.76 -3.43
C PHE A 538 15.03 0.88 -2.14
N LEU A 539 14.19 -0.12 -1.87
CA LEU A 539 13.35 -0.03 -0.69
C LEU A 539 14.19 -0.23 0.57
N LEU A 540 15.22 -1.06 0.46
CA LEU A 540 16.29 -1.20 1.47
C LEU A 540 16.92 0.15 1.80
N LYS A 541 17.42 0.83 0.78
CA LYS A 541 18.12 2.08 1.03
C LYS A 541 17.22 3.10 1.73
N ARG A 542 16.02 3.34 1.17
CA ARG A 542 15.15 4.39 1.68
C ARG A 542 14.67 4.04 3.08
N GLY A 543 14.48 2.76 3.31
CA GLY A 543 14.15 2.34 4.66
C GLY A 543 15.32 2.20 5.63
N LEU A 544 16.55 2.40 5.18
CA LEU A 544 17.68 2.39 6.11
C LEU A 544 18.08 3.83 6.38
N ARG A 545 17.72 4.70 5.45
CA ARG A 545 18.01 6.11 5.55
C ARG A 545 17.03 6.87 6.45
N ASN A 546 15.82 6.36 6.59
CA ASN A 546 14.75 7.08 7.29
C ASN A 546 13.90 6.14 8.18
N LYS A 547 13.94 6.39 9.48
CA LYS A 547 13.27 5.55 10.46
C LYS A 547 11.75 5.41 10.28
N ARG A 548 11.10 6.45 9.76
CA ARG A 548 9.66 6.36 9.52
C ARG A 548 9.31 5.46 8.35
N ILE A 549 9.97 5.65 7.22
CA ILE A 549 9.92 4.69 6.12
C ILE A 549 10.28 3.28 6.56
N GLY A 550 11.30 3.16 7.42
CA GLY A 550 11.77 1.84 7.79
C GLY A 550 10.85 1.11 8.75
N HIS A 551 10.26 1.88 9.65
CA HIS A 551 9.21 1.37 10.55
C HIS A 551 8.06 0.79 9.74
N PHE A 552 7.55 1.58 8.79
CA PHE A 552 6.47 1.09 7.96
C PHE A 552 6.88 -0.08 7.04
N LEU A 553 8.09 -0.01 6.48
CA LEU A 553 8.61 -1.10 5.65
C LEU A 553 8.62 -2.41 6.42
N PHE A 554 9.02 -2.35 7.67
CA PHE A 554 8.99 -3.56 8.52
C PHE A 554 7.60 -4.20 8.48
N TRP A 555 6.56 -3.44 8.83
CA TRP A 555 5.23 -4.06 8.94
C TRP A 555 4.64 -4.47 7.60
N PHE A 556 4.83 -3.66 6.56
CA PHE A 556 4.39 -4.11 5.24
C PHE A 556 5.03 -5.46 4.87
N LEU A 557 6.37 -5.55 4.96
CA LEU A 557 7.04 -6.82 4.66
C LEU A 557 6.58 -7.91 5.60
N ARG A 558 6.41 -7.59 6.88
CA ARG A 558 6.06 -8.62 7.85
C ARG A 558 4.66 -9.13 7.61
N SER A 559 3.76 -8.22 7.24
CA SER A 559 2.42 -8.63 6.83
C SER A 559 2.44 -9.70 5.73
N GLU A 560 3.28 -9.52 4.71
CA GLU A 560 3.31 -10.45 3.58
C GLU A 560 3.91 -11.79 3.95
N ILE A 561 4.95 -11.76 4.79
CA ILE A 561 5.64 -12.96 5.21
C ILE A 561 4.71 -13.89 5.96
N ALA A 562 3.81 -13.30 6.75
CA ALA A 562 2.90 -14.06 7.60
C ALA A 562 1.70 -14.66 6.86
N GLN A 563 1.40 -14.22 5.64
CA GLN A 563 0.18 -14.70 4.98
C GLN A 563 0.28 -15.00 3.49
N SER A 564 1.51 -14.90 2.97
CA SER A 564 1.81 -15.27 1.59
C SER A 564 2.97 -16.27 1.49
N ARG A 565 2.67 -17.53 1.18
CA ARG A 565 3.72 -18.53 1.02
C ARG A 565 4.38 -18.42 -0.34
N HIS A 566 3.64 -17.87 -1.31
CA HIS A 566 4.19 -17.60 -2.64
C HIS A 566 5.39 -16.65 -2.62
N TYR A 567 5.40 -15.71 -1.69
CA TYR A 567 6.39 -14.63 -1.73
C TYR A 567 7.13 -14.39 -0.40
N GLN A 568 6.75 -15.12 0.65
CA GLN A 568 7.41 -14.91 1.94
C GLN A 568 8.92 -15.04 1.93
N GLN A 569 9.45 -16.00 1.16
CA GLN A 569 10.90 -16.21 1.18
C GLN A 569 11.62 -14.98 0.66
N ARG A 570 11.22 -14.48 -0.50
CA ARG A 570 11.85 -13.29 -1.06
C ARG A 570 11.73 -12.12 -0.11
N PHE A 571 10.53 -11.97 0.46
CA PHE A 571 10.32 -10.86 1.37
C PHE A 571 11.14 -11.08 2.65
N ALA A 572 11.08 -12.28 3.20
CA ALA A 572 11.92 -12.59 4.37
C ALA A 572 13.36 -12.11 4.20
N VAL A 573 13.94 -12.37 3.04
CA VAL A 573 15.32 -11.98 2.78
C VAL A 573 15.54 -10.48 2.74
N ILE A 574 14.52 -9.74 2.32
CA ILE A 574 14.59 -8.28 2.29
C ILE A 574 14.47 -7.70 3.69
N LEU A 575 13.64 -8.34 4.51
CA LEU A 575 13.41 -7.86 5.87
C LEU A 575 14.69 -8.07 6.66
N GLU A 576 15.19 -9.31 6.68
CA GLU A 576 16.47 -9.60 7.35
C GLU A 576 17.48 -8.54 7.04
N ALA A 577 17.58 -8.16 5.77
CA ALA A 577 18.60 -7.23 5.35
C ALA A 577 18.29 -5.88 5.95
N TYR A 578 16.99 -5.55 6.05
CA TYR A 578 16.59 -4.32 6.74
C TYR A 578 17.02 -4.34 8.21
N LEU A 579 16.67 -5.42 8.89
CA LEU A 579 16.92 -5.50 10.33
C LEU A 579 18.42 -5.42 10.71
N ARG A 580 19.29 -5.96 9.86
CA ARG A 580 20.73 -5.92 10.11
C ARG A 580 21.28 -4.52 9.90
N GLY A 581 20.42 -3.58 9.55
CA GLY A 581 20.89 -2.21 9.36
C GLY A 581 20.06 -1.15 10.06
N CYS A 582 18.94 -1.52 10.69
CA CYS A 582 18.09 -0.49 11.29
C CYS A 582 18.72 0.07 12.55
N GLY A 583 19.40 -0.80 13.29
CA GLY A 583 20.03 -0.41 14.54
C GLY A 583 19.56 -1.29 15.67
N THR A 584 20.29 -1.29 16.78
CA THR A 584 19.85 -2.05 17.94
C THR A 584 18.65 -1.33 18.54
N ALA A 585 18.71 -0.01 18.57
CA ALA A 585 17.61 0.78 19.13
C ALA A 585 16.29 0.30 18.54
N MET A 586 16.12 0.55 17.25
CA MET A 586 14.94 0.13 16.51
C MET A 586 14.74 -1.37 16.60
N LEU A 587 15.83 -2.12 16.47
CA LEU A 587 15.76 -3.57 16.57
C LEU A 587 15.08 -3.97 17.88
N HIS A 588 15.36 -3.20 18.92
CA HIS A 588 14.73 -3.43 20.22
C HIS A 588 13.30 -2.89 20.21
N ASP A 589 13.11 -1.75 19.57
CA ASP A 589 11.79 -1.16 19.47
C ASP A 589 10.86 -2.05 18.63
N PHE A 590 11.39 -2.71 17.61
CA PHE A 590 10.58 -3.66 16.83
C PHE A 590 10.21 -4.88 17.66
N THR A 591 11.08 -5.23 18.61
CA THR A 591 10.86 -6.40 19.45
C THR A 591 9.78 -6.13 20.49
N GLN A 592 9.78 -4.94 21.09
CA GLN A 592 8.67 -4.52 21.94
C GLN A 592 7.33 -4.68 21.20
N GLN A 593 7.29 -4.19 19.97
CA GLN A 593 6.03 -4.15 19.24
C GLN A 593 5.49 -5.54 18.91
N VAL A 594 6.36 -6.45 18.49
CA VAL A 594 5.87 -7.78 18.11
C VAL A 594 5.45 -8.60 19.33
N GLN A 595 6.20 -8.45 20.43
CA GLN A 595 5.80 -9.07 21.69
C GLN A 595 4.36 -8.69 22.04
N VAL A 596 4.05 -7.40 21.98
CA VAL A 596 2.71 -6.95 22.31
C VAL A 596 1.63 -7.47 21.36
N ILE A 597 1.80 -7.30 20.04
CA ILE A 597 0.69 -7.62 19.14
C ILE A 597 0.52 -9.11 18.92
N GLU A 598 1.46 -9.91 19.40
CA GLU A 598 1.29 -11.35 19.38
C GLU A 598 0.43 -11.80 20.55
N MET A 599 0.62 -11.16 21.71
CA MET A 599 -0.19 -11.48 22.87
C MET A 599 -1.64 -11.10 22.64
N LEU A 600 -1.85 -9.95 22.01
CA LEU A 600 -3.20 -9.42 21.80
C LEU A 600 -3.93 -10.23 20.73
N GLN A 601 -3.22 -10.60 19.67
CA GLN A 601 -3.78 -11.50 18.68
C GLN A 601 -4.25 -12.78 19.34
N LYS A 602 -3.50 -13.22 20.34
CA LYS A 602 -3.83 -14.45 21.05
C LYS A 602 -5.16 -14.25 21.78
N VAL A 603 -5.23 -13.17 22.56
CA VAL A 603 -6.47 -12.83 23.24
C VAL A 603 -7.60 -12.67 22.24
N THR A 604 -7.26 -12.18 21.05
CA THR A 604 -8.27 -11.90 20.03
C THR A 604 -8.95 -13.18 19.54
N LEU A 605 -8.12 -14.12 19.12
CA LEU A 605 -8.61 -15.41 18.61
C LEU A 605 -9.30 -16.23 19.71
N ASP A 606 -8.74 -16.21 20.92
CA ASP A 606 -9.33 -16.95 22.02
C ASP A 606 -10.73 -16.48 22.37
N ILE A 607 -10.88 -15.19 22.68
CA ILE A 607 -12.19 -14.64 22.99
C ILE A 607 -13.16 -14.97 21.86
N LYS A 608 -12.65 -14.99 20.64
CA LYS A 608 -13.51 -15.22 19.50
C LYS A 608 -14.17 -16.60 19.55
N SER A 609 -13.38 -17.63 19.87
CA SER A 609 -13.89 -19.00 19.96
C SER A 609 -14.94 -19.15 21.06
N LEU A 610 -14.73 -18.45 22.17
CA LEU A 610 -15.60 -18.61 23.34
C LEU A 610 -17.05 -18.22 23.09
N SER A 611 -17.37 -17.82 21.87
CA SER A 611 -18.75 -17.49 21.53
C SER A 611 -19.31 -18.41 20.46
N SER A 618 -22.08 -11.49 24.97
CA SER A 618 -22.46 -12.49 25.96
C SER A 618 -22.12 -12.07 27.39
N SER A 619 -22.88 -12.61 28.34
CA SER A 619 -22.75 -12.22 29.75
C SER A 619 -21.42 -12.70 30.35
N GLN A 620 -21.09 -13.96 30.09
CA GLN A 620 -19.83 -14.51 30.59
C GLN A 620 -18.64 -13.85 29.90
N VAL A 621 -18.70 -13.75 28.57
CA VAL A 621 -17.56 -13.28 27.78
C VAL A 621 -16.92 -12.02 28.36
N ILE A 622 -17.75 -11.07 28.76
CA ILE A 622 -17.27 -9.79 29.25
C ILE A 622 -16.35 -10.00 30.45
N SER A 623 -16.43 -11.19 31.04
CA SER A 623 -15.66 -11.53 32.23
C SER A 623 -14.24 -11.94 31.85
N GLN A 624 -14.13 -12.96 31.00
CA GLN A 624 -12.84 -13.51 30.61
C GLN A 624 -11.91 -12.43 30.05
N LEU A 625 -12.42 -11.65 29.09
CA LEU A 625 -11.62 -10.63 28.40
C LEU A 625 -10.88 -9.77 29.43
N LYS A 626 -11.64 -9.14 30.31
CA LYS A 626 -11.08 -8.28 31.35
C LYS A 626 -10.04 -9.04 32.16
N GLN A 627 -10.18 -10.37 32.21
CA GLN A 627 -9.33 -11.19 33.04
C GLN A 627 -8.00 -11.54 32.37
N LYS A 628 -8.03 -11.81 31.07
CA LYS A 628 -6.80 -12.06 30.34
C LYS A 628 -6.01 -10.76 30.21
N LEU A 629 -6.75 -9.66 30.04
CA LEU A 629 -6.14 -8.34 29.96
C LEU A 629 -5.50 -7.95 31.29
N GLU A 630 -5.80 -8.70 32.33
CA GLU A 630 -5.17 -8.50 33.63
C GLU A 630 -3.82 -9.23 33.70
N ASN A 631 -3.75 -10.42 33.11
CA ASN A 631 -2.48 -11.14 33.04
C ASN A 631 -1.42 -10.28 32.36
N LEU A 632 -1.63 -10.04 31.07
CA LEU A 632 -0.60 -9.44 30.23
C LEU A 632 -0.03 -8.18 30.85
N GLN A 633 -0.80 -7.54 31.73
CA GLN A 633 -0.39 -6.26 32.30
C GLN A 633 0.54 -6.41 33.51
N ASN A 634 1.24 -7.54 33.57
CA ASN A 634 2.18 -7.81 34.66
C ASN A 634 3.62 -7.76 34.18
N SER A 635 4.28 -8.91 34.19
CA SER A 635 5.69 -9.01 33.83
C SER A 635 5.89 -9.86 32.57
N GLN A 636 4.90 -9.83 31.68
CA GLN A 636 5.02 -10.48 30.36
C GLN A 636 5.11 -9.40 29.29
N LEU A 637 4.19 -8.44 29.36
CA LEU A 637 4.20 -7.28 28.50
C LEU A 637 5.23 -6.27 28.99
N PRO A 638 5.93 -5.59 28.07
CA PRO A 638 6.75 -4.45 28.49
C PRO A 638 5.85 -3.28 28.87
N GLU A 639 6.46 -2.18 29.29
CA GLU A 639 5.72 -1.07 29.85
C GLU A 639 5.02 -0.26 28.76
N SER A 640 5.44 -0.45 27.51
CA SER A 640 4.88 0.31 26.39
C SER A 640 5.48 -0.07 25.05
N PHE A 641 5.05 0.64 24.00
CA PHE A 641 5.35 0.25 22.63
C PHE A 641 4.83 1.28 21.62
N ARG A 642 5.60 1.49 20.54
CA ARG A 642 5.10 2.27 19.40
C ARG A 642 3.86 1.63 18.82
N VAL A 643 2.81 2.42 18.68
CA VAL A 643 1.65 1.99 17.94
C VAL A 643 2.12 1.75 16.51
N PRO A 644 1.89 0.55 15.97
CA PRO A 644 2.36 0.27 14.62
C PRO A 644 1.83 1.14 13.47
N TYR A 645 0.60 1.63 13.55
CA TYR A 645 0.05 2.49 12.50
C TYR A 645 0.39 3.94 12.69
N ASP A 646 1.09 4.25 13.78
CA ASP A 646 1.47 5.64 14.05
C ASP A 646 2.72 5.69 14.91
N PRO A 647 3.89 5.56 14.27
CA PRO A 647 5.19 5.37 14.95
C PRO A 647 5.46 6.49 15.93
N GLY A 648 4.72 7.58 15.78
CA GLY A 648 4.89 8.70 16.68
C GLY A 648 4.46 8.45 18.11
N LEU A 649 3.54 7.51 18.32
CA LEU A 649 2.88 7.35 19.61
C LEU A 649 3.41 6.17 20.39
N LYS A 650 3.60 6.34 21.70
CA LYS A 650 3.88 5.19 22.55
C LYS A 650 2.70 4.86 23.46
N ALA A 651 2.24 3.61 23.39
CA ALA A 651 1.11 3.16 24.20
C ALA A 651 1.58 2.53 25.52
N GLY A 652 1.01 3.03 26.61
CA GLY A 652 1.35 2.49 27.92
C GLY A 652 0.40 1.40 28.36
N ALA A 653 -0.24 1.61 29.50
CA ALA A 653 -1.03 0.56 30.13
C ALA A 653 -2.39 0.45 29.50
N LEU A 654 -2.99 -0.73 29.58
CA LEU A 654 -4.33 -0.95 29.09
C LEU A 654 -5.38 -0.39 30.05
N ALA A 655 -6.15 0.59 29.59
CA ALA A 655 -7.35 1.00 30.31
C ALA A 655 -8.32 -0.19 30.31
N ILE A 656 -8.09 -1.12 31.23
CA ILE A 656 -8.88 -2.35 31.29
C ILE A 656 -10.37 -2.01 31.33
N GLU A 657 -10.73 -1.03 32.14
CA GLU A 657 -12.12 -0.64 32.34
C GLU A 657 -12.80 -0.34 31.01
N LYS A 658 -12.05 0.28 30.09
CA LYS A 658 -12.59 0.74 28.81
C LYS A 658 -12.65 -0.33 27.73
N CYS A 659 -11.87 -1.41 27.89
CA CYS A 659 -11.81 -2.48 26.89
C CYS A 659 -13.09 -3.29 26.83
N LYS A 660 -13.27 -4.03 25.74
CA LYS A 660 -14.50 -4.82 25.56
C LYS A 660 -14.46 -5.66 24.29
N VAL A 661 -15.31 -6.68 24.23
CA VAL A 661 -15.62 -7.34 22.97
C VAL A 661 -16.84 -6.63 22.39
N MET A 662 -17.05 -6.75 21.08
CA MET A 662 -18.12 -6.02 20.40
C MET A 662 -19.13 -6.94 19.72
N ALA A 663 -20.37 -6.47 19.59
CA ALA A 663 -21.37 -7.18 18.82
C ALA A 663 -20.97 -7.19 17.35
N SER A 664 -20.83 -8.39 16.79
CA SER A 664 -20.38 -8.57 15.41
C SER A 664 -19.97 -10.03 15.30
N LYS A 665 -20.44 -10.71 14.25
CA LYS A 665 -20.31 -12.17 14.15
C LYS A 665 -18.93 -12.63 14.59
N LYS A 666 -17.93 -12.35 13.76
CA LYS A 666 -16.55 -12.31 14.23
C LYS A 666 -16.48 -11.14 15.19
N LYS A 667 -15.87 -11.33 16.34
CA LYS A 667 -16.03 -10.39 17.45
C LYS A 667 -14.71 -9.70 17.82
N PRO A 668 -14.48 -8.51 17.25
CA PRO A 668 -13.24 -7.76 17.49
C PRO A 668 -13.11 -7.28 18.93
N LEU A 669 -11.87 -7.06 19.36
CA LEU A 669 -11.60 -6.42 20.64
C LEU A 669 -11.53 -4.92 20.46
N TRP A 670 -12.08 -4.18 21.42
CA TRP A 670 -11.99 -2.73 21.45
C TRP A 670 -11.03 -2.35 22.59
N LEU A 671 -9.74 -2.29 22.28
CA LEU A 671 -8.75 -1.99 23.31
C LEU A 671 -8.50 -0.50 23.44
N GLU A 672 -8.14 -0.05 24.63
CA GLU A 672 -7.74 1.33 24.83
C GLU A 672 -6.50 1.39 25.72
N PHE A 673 -5.59 2.34 25.43
CA PHE A 673 -4.33 2.44 26.17
C PHE A 673 -4.12 3.87 26.64
N LYS A 674 -3.43 4.01 27.77
CA LYS A 674 -2.94 5.31 28.20
C LYS A 674 -1.69 5.66 27.39
N CYS A 675 -1.49 6.94 27.12
CA CYS A 675 -0.26 7.37 26.46
C CYS A 675 0.89 7.17 27.43
N ALA A 676 1.95 6.51 26.97
CA ALA A 676 3.05 6.12 27.85
C ALA A 676 3.99 7.29 28.10
N ASP A 677 3.68 8.43 27.51
CA ASP A 677 4.55 9.59 27.63
C ASP A 677 3.93 10.71 28.42
N PRO A 678 4.56 11.07 29.55
CA PRO A 678 4.09 12.07 30.51
C PRO A 678 3.86 13.44 29.90
N THR A 679 4.74 13.86 28.98
CA THR A 679 4.62 15.19 28.39
C THR A 679 3.37 15.29 27.52
N ALA A 680 2.64 14.19 27.44
CA ALA A 680 1.35 14.17 26.75
C ALA A 680 0.44 15.22 27.34
N LEU A 681 -0.07 16.11 26.49
CA LEU A 681 -0.85 17.26 26.95
C LEU A 681 -2.31 16.92 27.25
N SER A 682 -2.60 15.64 27.39
CA SER A 682 -3.97 15.18 27.64
C SER A 682 -3.94 13.77 28.23
N ASN A 683 -5.12 13.27 28.60
CA ASN A 683 -5.24 11.92 29.14
C ASN A 683 -6.14 11.07 28.28
N GLU A 684 -6.46 11.56 27.10
CA GLU A 684 -7.17 10.77 26.10
C GLU A 684 -6.37 9.48 25.86
N THR A 685 -7.08 8.37 25.72
CA THR A 685 -6.41 7.10 25.49
C THR A 685 -6.11 6.88 24.02
N ILE A 686 -5.38 5.81 23.72
CA ILE A 686 -5.18 5.35 22.36
C ILE A 686 -6.07 4.15 22.14
N GLY A 687 -6.83 4.17 21.04
CA GLY A 687 -7.84 3.15 20.84
C GLY A 687 -7.56 2.29 19.63
N ILE A 688 -7.44 0.99 19.85
CA ILE A 688 -7.13 0.11 18.75
C ILE A 688 -8.16 -1.00 18.70
N ILE A 689 -8.63 -1.31 17.50
CA ILE A 689 -9.40 -2.52 17.28
C ILE A 689 -8.48 -3.65 16.84
N PHE A 690 -8.57 -4.78 17.54
CA PHE A 690 -7.97 -6.01 17.05
C PHE A 690 -9.03 -6.93 16.49
N LYS A 691 -8.82 -7.41 15.27
CA LYS A 691 -9.89 -8.15 14.64
C LYS A 691 -9.40 -9.35 13.81
N HIS A 692 -10.18 -10.44 13.85
CA HIS A 692 -9.97 -11.58 12.98
C HIS A 692 -11.18 -11.83 12.06
N GLY A 693 -10.91 -12.15 10.81
CA GLY A 693 -11.98 -12.54 9.90
C GLY A 693 -12.09 -11.68 8.65
N ASP A 694 -11.65 -10.43 8.77
CA ASP A 694 -11.59 -9.49 7.65
C ASP A 694 -10.21 -9.47 7.00
N ASP A 695 -10.18 -9.45 5.67
CA ASP A 695 -8.91 -9.26 4.96
C ASP A 695 -8.48 -7.79 5.02
N LEU A 696 -7.82 -7.43 6.11
CA LEU A 696 -7.27 -6.10 6.32
C LEU A 696 -6.19 -5.68 5.28
N ARG A 697 -5.60 -6.63 4.59
CA ARG A 697 -4.73 -6.29 3.45
C ARG A 697 -5.46 -5.37 2.45
N GLN A 698 -6.68 -5.74 2.08
CA GLN A 698 -7.44 -4.95 1.14
C GLN A 698 -7.73 -3.55 1.71
N ASP A 699 -7.97 -3.49 3.00
CA ASP A 699 -8.20 -2.20 3.65
C ASP A 699 -6.98 -1.30 3.58
N MET A 700 -5.80 -1.87 3.75
CA MET A 700 -4.57 -1.08 3.63
C MET A 700 -4.47 -0.46 2.23
N LEU A 701 -4.76 -1.26 1.22
CA LEU A 701 -4.58 -0.82 -0.14
C LEU A 701 -5.49 0.37 -0.41
N ILE A 702 -6.78 0.23 -0.04
CA ILE A 702 -7.80 1.26 -0.29
C ILE A 702 -7.50 2.52 0.53
N LEU A 703 -7.14 2.31 1.78
CA LEU A 703 -6.81 3.43 2.66
C LEU A 703 -5.66 4.27 2.08
N GLN A 704 -4.64 3.60 1.54
CA GLN A 704 -3.45 4.31 1.11
C GLN A 704 -3.71 5.03 -0.22
N ILE A 705 -4.51 4.42 -1.08
CA ILE A 705 -4.95 5.13 -2.26
C ILE A 705 -5.74 6.39 -1.85
N LEU A 706 -6.41 6.32 -0.70
CA LEU A 706 -7.11 7.50 -0.16
C LEU A 706 -6.13 8.61 0.20
N ARG A 707 -5.03 8.25 0.84
CA ARG A 707 -4.04 9.26 1.17
C ARG A 707 -3.45 9.88 -0.10
N ILE A 708 -3.37 9.09 -1.16
CA ILE A 708 -2.82 9.61 -2.41
C ILE A 708 -3.79 10.60 -3.03
N MET A 709 -5.07 10.27 -2.97
CA MET A 709 -6.11 11.12 -3.50
C MET A 709 -6.14 12.42 -2.69
N GLU A 710 -6.09 12.31 -1.36
CA GLU A 710 -6.00 13.54 -0.55
C GLU A 710 -4.85 14.42 -1.03
N SER A 711 -3.80 13.77 -1.52
CA SER A 711 -2.55 14.43 -1.87
C SER A 711 -2.66 15.04 -3.26
N ILE A 712 -3.42 14.39 -4.14
CA ILE A 712 -3.70 14.93 -5.45
C ILE A 712 -4.60 16.16 -5.33
N TRP A 713 -5.42 16.18 -4.30
CA TRP A 713 -6.29 17.33 -4.10
C TRP A 713 -5.51 18.48 -3.50
N GLU A 714 -4.55 18.17 -2.64
CA GLU A 714 -3.67 19.20 -2.09
C GLU A 714 -2.93 19.96 -3.19
N THR A 715 -2.55 19.27 -4.26
CA THR A 715 -1.79 19.91 -5.34
C THR A 715 -2.62 21.05 -5.91
N GLU A 716 -3.93 21.00 -5.67
CA GLU A 716 -4.86 21.96 -6.23
C GLU A 716 -5.63 22.69 -5.13
N SER A 717 -5.00 22.78 -3.98
CA SER A 717 -5.50 23.63 -2.89
C SER A 717 -6.85 23.22 -2.30
N LEU A 718 -7.26 21.98 -2.55
CA LEU A 718 -8.48 21.41 -1.98
C LEU A 718 -8.15 20.55 -0.76
N ASP A 719 -9.00 20.63 0.25
CA ASP A 719 -8.98 19.67 1.36
C ASP A 719 -10.33 19.03 1.55
N LEU A 720 -10.52 17.86 0.95
CA LEU A 720 -11.79 17.12 1.03
C LEU A 720 -12.01 16.40 2.38
N CYS A 721 -11.10 16.58 3.32
CA CYS A 721 -11.32 16.19 4.71
C CYS A 721 -11.60 14.71 5.00
N LEU A 722 -10.93 13.79 4.30
CA LEU A 722 -11.13 12.37 4.51
C LEU A 722 -10.50 11.94 5.83
N LEU A 723 -10.92 10.77 6.34
CA LEU A 723 -10.27 10.13 7.49
C LEU A 723 -9.72 8.76 7.09
N PRO A 724 -8.55 8.73 6.45
CA PRO A 724 -7.89 7.46 6.16
C PRO A 724 -7.23 6.98 7.43
N TYR A 725 -7.99 6.29 8.28
CA TYR A 725 -7.51 5.95 9.61
C TYR A 725 -6.48 4.83 9.52
N GLY A 726 -5.64 4.70 10.55
CA GLY A 726 -4.54 3.75 10.52
C GLY A 726 -4.99 2.32 10.49
N CYS A 727 -4.26 1.49 9.75
CA CYS A 727 -4.60 0.08 9.59
C CYS A 727 -3.37 -0.75 9.24
N ILE A 728 -3.13 -1.78 10.03
CA ILE A 728 -2.01 -2.64 9.77
C ILE A 728 -2.40 -4.10 9.79
N SER A 729 -2.27 -4.76 8.64
CA SER A 729 -2.45 -6.21 8.54
C SER A 729 -1.28 -6.89 9.25
N THR A 730 -1.57 -7.85 10.12
CA THR A 730 -0.47 -8.53 10.81
C THR A 730 -0.39 -10.02 10.48
N GLY A 731 -1.40 -10.50 9.77
CA GLY A 731 -1.46 -11.89 9.36
C GLY A 731 -2.68 -12.13 8.51
N ASP A 732 -3.06 -13.39 8.34
CA ASP A 732 -4.15 -13.77 7.43
C ASP A 732 -5.52 -13.59 8.07
N LYS A 733 -6.26 -12.57 7.61
CA LYS A 733 -7.54 -12.24 8.20
C LYS A 733 -7.37 -11.71 9.62
N ILE A 734 -6.21 -11.14 9.91
CA ILE A 734 -5.98 -10.58 11.23
C ILE A 734 -5.11 -9.32 11.20
N GLY A 735 -5.39 -8.41 12.14
CA GLY A 735 -4.64 -7.19 12.23
C GLY A 735 -5.29 -6.16 13.12
N MET A 736 -4.76 -4.93 13.10
CA MET A 736 -5.29 -3.89 13.94
C MET A 736 -5.76 -2.64 13.17
N ILE A 737 -6.63 -1.88 13.81
CA ILE A 737 -7.24 -0.74 13.19
C ILE A 737 -7.32 0.45 14.15
N GLU A 738 -6.86 1.62 13.74
CA GLU A 738 -6.93 2.81 14.59
C GLU A 738 -8.39 3.24 14.89
N ILE A 739 -8.66 3.56 16.15
CA ILE A 739 -9.99 4.12 16.50
C ILE A 739 -10.10 5.62 16.25
N VAL A 740 -11.15 6.03 15.54
CA VAL A 740 -11.44 7.46 15.41
C VAL A 740 -12.28 7.92 16.60
N LYS A 741 -11.89 9.04 17.19
CA LYS A 741 -12.57 9.54 18.38
C LYS A 741 -13.94 10.16 18.08
N ASP A 742 -14.87 9.99 19.03
CA ASP A 742 -16.15 10.73 19.02
C ASP A 742 -17.00 10.41 17.79
N ALA A 743 -17.02 9.16 17.37
CA ALA A 743 -17.67 8.80 16.13
C ALA A 743 -18.76 7.75 16.31
N THR A 744 -19.72 7.75 15.40
CA THR A 744 -20.69 6.67 15.35
C THR A 744 -21.01 6.28 13.92
N THR A 745 -21.53 5.09 13.77
CA THR A 745 -22.12 4.64 12.52
C THR A 745 -23.40 5.42 12.17
N ILE A 746 -23.58 5.69 10.89
CA ILE A 746 -24.75 6.41 10.40
C ILE A 746 -26.03 5.67 10.76
N ALA A 747 -26.07 4.38 10.40
CA ALA A 747 -27.11 3.48 10.85
C ALA A 747 -27.50 3.75 12.31
N LYS A 748 -26.51 3.77 13.20
CA LYS A 748 -26.79 3.86 14.62
C LYS A 748 -27.48 5.18 14.93
N ILE A 749 -27.07 6.24 14.23
CA ILE A 749 -27.73 7.53 14.35
C ILE A 749 -29.19 7.44 13.90
N GLN A 750 -29.49 6.43 13.08
CA GLN A 750 -30.87 6.16 12.71
C GLN A 750 -31.53 5.20 13.71
N GLN A 751 -30.79 4.16 14.12
CA GLN A 751 -31.28 3.19 15.10
C GLN A 751 -31.60 3.88 16.43
N SER A 752 -31.03 5.07 16.62
CA SER A 752 -31.27 5.86 17.82
C SER A 752 -32.72 6.28 17.92
N THR A 753 -33.19 7.04 16.93
CA THR A 753 -34.52 7.64 17.00
C THR A 753 -35.50 7.08 15.96
N VAL A 754 -35.23 5.86 15.50
CA VAL A 754 -36.22 5.08 14.75
C VAL A 754 -36.04 3.61 15.10
N GLY A 755 -34.82 3.26 15.52
CA GLY A 755 -34.55 1.99 16.14
C GLY A 755 -34.79 0.73 15.32
N ASN A 756 -33.70 0.17 14.78
CA ASN A 756 -33.73 -1.17 14.20
C ASN A 756 -35.02 -1.43 13.42
N THR A 757 -35.22 -0.69 12.32
CA THR A 757 -36.48 -0.72 11.59
C THR A 757 -36.28 -0.62 10.10
N GLY A 758 -35.58 0.43 9.66
CA GLY A 758 -35.47 0.71 8.24
C GLY A 758 -36.43 1.83 7.83
N ALA A 759 -37.25 2.27 8.77
CA ALA A 759 -38.17 3.38 8.51
C ALA A 759 -37.39 4.68 8.52
N PHE A 760 -36.49 4.83 7.55
CA PHE A 760 -35.44 5.84 7.62
C PHE A 760 -35.93 7.29 7.64
N LYS A 761 -35.59 8.02 8.70
CA LYS A 761 -36.00 9.40 8.80
C LYS A 761 -34.94 10.35 8.22
N ASP A 762 -35.42 11.34 7.48
CA ASP A 762 -34.55 12.21 6.69
C ASP A 762 -33.92 13.31 7.55
N GLU A 763 -34.39 13.44 8.79
CA GLU A 763 -34.12 14.61 9.60
C GLU A 763 -33.13 14.32 10.73
N VAL A 764 -32.87 13.05 10.97
CA VAL A 764 -32.15 12.64 12.16
C VAL A 764 -30.72 13.15 12.29
N LEU A 765 -29.98 13.12 11.19
CA LEU A 765 -28.55 13.44 11.20
C LEU A 765 -28.29 14.91 11.53
N ASN A 766 -29.03 15.81 10.88
CA ASN A 766 -28.90 17.23 11.16
C ASN A 766 -29.33 17.53 12.60
N HIS A 767 -30.10 16.63 13.20
CA HIS A 767 -30.50 16.76 14.60
C HIS A 767 -29.36 16.33 15.52
N TRP A 768 -28.93 15.09 15.32
CA TRP A 768 -27.78 14.52 16.01
C TRP A 768 -26.60 15.49 15.97
N LEU A 769 -26.40 16.15 14.83
CA LEU A 769 -25.33 17.12 14.69
C LEU A 769 -25.52 18.36 15.55
N LYS A 770 -26.73 18.89 15.57
CA LYS A 770 -27.06 20.00 16.47
C LYS A 770 -27.06 19.50 17.90
N GLU A 771 -27.48 18.25 18.09
CA GLU A 771 -27.51 17.63 19.41
C GLU A 771 -26.11 17.45 19.99
N LYS A 772 -25.09 17.50 19.13
CA LYS A 772 -23.72 17.24 19.56
C LYS A 772 -22.85 18.50 19.53
N SER A 773 -23.30 19.52 18.81
CA SER A 773 -22.53 20.76 18.72
C SER A 773 -22.60 21.58 20.00
N PRO A 774 -21.46 22.14 20.42
CA PRO A 774 -21.36 22.94 21.65
C PRO A 774 -22.17 24.23 21.53
N THR A 775 -22.34 24.68 20.28
CA THR A 775 -22.96 25.97 20.00
C THR A 775 -23.81 25.84 18.75
N GLU A 776 -23.99 26.97 18.06
CA GLU A 776 -24.56 26.98 16.73
C GLU A 776 -23.41 27.21 15.76
N GLU A 777 -22.34 27.82 16.29
CA GLU A 777 -21.19 28.16 15.47
C GLU A 777 -20.39 26.91 15.15
N LYS A 778 -19.94 26.23 16.19
CA LYS A 778 -19.30 24.94 16.01
C LYS A 778 -20.22 24.01 15.23
N PHE A 779 -21.53 24.21 15.35
CA PHE A 779 -22.48 23.43 14.57
C PHE A 779 -22.30 23.66 13.07
N GLN A 780 -22.14 24.93 12.69
CA GLN A 780 -21.95 25.26 11.28
C GLN A 780 -20.68 24.61 10.76
N ALA A 781 -19.62 24.65 11.56
CA ALA A 781 -18.40 23.91 11.24
C ALA A 781 -18.71 22.45 10.91
N ALA A 782 -19.33 21.74 11.85
CA ALA A 782 -19.78 20.36 11.63
C ALA A 782 -20.62 20.22 10.37
N VAL A 783 -21.10 21.34 9.84
CA VAL A 783 -21.86 21.28 8.60
C VAL A 783 -20.92 21.61 7.45
N GLU A 784 -19.97 22.48 7.73
CA GLU A 784 -18.90 22.80 6.79
C GLU A 784 -18.05 21.55 6.62
N ARG A 785 -17.72 20.94 7.75
CA ARG A 785 -16.87 19.77 7.75
C ARG A 785 -17.58 18.64 7.02
N PHE A 786 -18.90 18.62 7.12
CA PHE A 786 -19.66 17.49 6.61
C PHE A 786 -19.77 17.52 5.10
N VAL A 787 -20.04 18.70 4.54
CA VAL A 787 -20.27 18.78 3.10
C VAL A 787 -19.00 18.46 2.33
N TYR A 788 -17.87 18.95 2.81
CA TYR A 788 -16.58 18.54 2.26
C TYR A 788 -16.37 17.03 2.39
N SER A 789 -16.36 16.53 3.61
CA SER A 789 -16.07 15.11 3.82
C SER A 789 -16.99 14.25 2.98
N CYS A 790 -18.28 14.59 2.94
CA CYS A 790 -19.24 13.83 2.14
C CYS A 790 -18.85 13.75 0.67
N ALA A 791 -18.42 14.88 0.10
CA ALA A 791 -18.05 14.91 -1.32
C ALA A 791 -16.70 14.23 -1.56
N GLY A 792 -15.76 14.44 -0.64
CA GLY A 792 -14.50 13.72 -0.70
C GLY A 792 -14.69 12.23 -0.90
N TYR A 793 -15.53 11.61 -0.06
CA TYR A 793 -15.75 10.17 -0.13
C TYR A 793 -16.63 9.76 -1.28
N CYS A 794 -17.65 10.58 -1.57
CA CYS A 794 -18.48 10.36 -2.76
C CYS A 794 -17.63 10.17 -4.01
N VAL A 795 -16.69 11.09 -4.25
CA VAL A 795 -15.89 11.01 -5.48
C VAL A 795 -14.91 9.83 -5.43
N ALA A 796 -14.20 9.75 -4.30
CA ALA A 796 -13.14 8.79 -4.13
C ALA A 796 -13.73 7.40 -4.16
N THR A 797 -14.91 7.26 -3.56
CA THR A 797 -15.52 5.95 -3.45
C THR A 797 -16.10 5.52 -4.78
N PHE A 798 -16.60 6.49 -5.54
CA PHE A 798 -17.11 6.21 -6.89
C PHE A 798 -16.02 5.80 -7.89
N VAL A 799 -14.90 6.53 -7.87
CA VAL A 799 -13.73 6.16 -8.65
C VAL A 799 -13.28 4.73 -8.41
N LEU A 800 -13.21 4.31 -7.15
CA LEU A 800 -12.74 2.95 -6.84
C LEU A 800 -13.84 1.90 -7.00
N GLY A 801 -15.07 2.34 -7.23
CA GLY A 801 -16.14 1.37 -7.41
C GLY A 801 -16.48 0.67 -6.10
N ILE A 802 -16.40 1.39 -4.99
CA ILE A 802 -16.88 0.87 -3.71
C ILE A 802 -17.85 1.89 -3.06
N GLY A 803 -18.53 2.65 -3.92
CA GLY A 803 -19.44 3.69 -3.47
C GLY A 803 -20.85 3.21 -3.12
N ASP A 804 -21.24 2.02 -3.60
CA ASP A 804 -22.54 1.46 -3.31
C ASP A 804 -22.49 0.64 -2.02
N ARG A 805 -22.59 1.33 -0.89
CA ARG A 805 -22.35 0.70 0.40
C ARG A 805 -23.52 0.82 1.38
N HIS A 806 -23.37 0.08 2.48
CA HIS A 806 -24.47 -0.21 3.37
C HIS A 806 -24.39 0.80 4.52
N ASN A 807 -25.52 1.08 5.15
CA ASN A 807 -25.64 2.22 6.07
C ASN A 807 -24.73 2.09 7.29
N ASP A 808 -24.47 0.84 7.69
CA ASP A 808 -23.75 0.55 8.92
C ASP A 808 -22.24 0.73 8.72
N ASN A 809 -21.81 0.74 7.45
CA ASN A 809 -20.40 0.82 7.10
C ASN A 809 -19.96 2.26 6.80
N ILE A 810 -20.75 3.23 7.25
CA ILE A 810 -20.40 4.63 7.10
C ILE A 810 -20.53 5.34 8.44
N MET A 811 -19.57 6.19 8.76
CA MET A 811 -19.47 6.75 10.10
C MET A 811 -19.37 8.26 10.07
N ILE A 812 -19.66 8.90 11.20
CA ILE A 812 -19.40 10.33 11.31
C ILE A 812 -18.89 10.70 12.69
N THR A 813 -18.26 11.86 12.78
CA THR A 813 -17.80 12.36 14.06
C THR A 813 -18.73 13.46 14.59
N GLU A 814 -18.75 13.62 15.90
CA GLU A 814 -19.62 14.60 16.53
C GLU A 814 -19.23 15.98 16.06
N THR A 815 -18.35 16.04 15.06
CA THR A 815 -17.88 17.32 14.55
C THR A 815 -17.95 17.39 13.04
N GLY A 816 -18.68 16.47 12.43
CA GLY A 816 -19.03 16.65 11.04
C GLY A 816 -18.31 15.77 10.03
N ASN A 817 -17.26 15.05 10.45
CA ASN A 817 -16.45 14.31 9.49
C ASN A 817 -16.99 12.93 9.16
N LEU A 818 -17.54 12.80 7.96
CA LEU A 818 -17.96 11.50 7.47
C LEU A 818 -16.72 10.70 7.03
N PHE A 819 -16.81 9.36 6.99
CA PHE A 819 -15.73 8.50 6.51
C PHE A 819 -16.15 7.05 6.42
N HIS A 820 -15.81 6.37 5.32
CA HIS A 820 -16.19 4.97 5.18
C HIS A 820 -15.25 4.03 5.93
N ILE A 821 -15.71 2.80 6.16
CA ILE A 821 -14.94 1.80 6.86
C ILE A 821 -15.20 0.47 6.18
N ASP A 822 -14.40 -0.51 6.53
CA ASP A 822 -14.62 -1.87 6.08
C ASP A 822 -14.62 -2.07 4.58
N PHE A 823 -13.46 -1.90 3.97
CA PHE A 823 -13.44 -1.92 2.53
C PHE A 823 -13.18 -3.31 2.04
N GLY A 824 -12.74 -4.16 2.96
CA GLY A 824 -12.66 -5.56 2.63
C GLY A 824 -14.04 -6.13 2.41
N HIS A 825 -15.01 -5.66 3.21
CA HIS A 825 -16.35 -6.25 3.25
C HIS A 825 -16.95 -6.33 1.85
N ILE A 826 -16.54 -5.43 0.95
CA ILE A 826 -17.06 -5.43 -0.42
C ILE A 826 -16.09 -6.04 -1.43
N LEU A 827 -15.01 -5.34 -1.73
CA LEU A 827 -13.97 -5.89 -2.59
C LEU A 827 -13.48 -7.25 -2.06
N GLY A 828 -13.99 -7.64 -0.89
CA GLY A 828 -13.50 -8.83 -0.22
C GLY A 828 -14.36 -10.06 -0.32
N ASN A 829 -15.62 -9.90 -0.73
CA ASN A 829 -16.49 -11.04 -1.07
C ASN A 829 -17.46 -10.72 -2.21
N TYR A 830 -17.54 -9.46 -2.61
CA TYR A 830 -18.42 -9.02 -3.68
C TYR A 830 -18.27 -9.91 -4.91
N VAL A 841 -27.10 2.39 -7.34
CA VAL A 841 -26.57 3.63 -6.78
C VAL A 841 -25.03 3.77 -6.93
N PRO A 842 -24.56 4.96 -7.36
CA PRO A 842 -23.14 5.27 -7.63
C PRO A 842 -22.29 5.42 -6.37
N PHE A 843 -22.67 6.37 -5.54
CA PHE A 843 -22.13 6.48 -4.19
C PHE A 843 -23.27 6.51 -3.17
N VAL A 844 -23.06 7.25 -2.08
CA VAL A 844 -24.12 7.37 -1.08
C VAL A 844 -24.32 8.83 -0.70
N LEU A 845 -25.42 9.38 -1.18
CA LEU A 845 -25.74 10.78 -0.97
C LEU A 845 -27.22 10.81 -0.64
N THR A 846 -27.52 10.56 0.62
CA THR A 846 -28.84 10.12 1.03
C THR A 846 -29.66 11.28 1.55
N PRO A 847 -30.99 11.08 1.71
CA PRO A 847 -31.87 12.16 2.15
C PRO A 847 -31.44 12.79 3.48
N ASP A 848 -30.85 11.98 4.35
CA ASP A 848 -30.30 12.51 5.59
C ASP A 848 -29.07 13.39 5.32
N PHE A 849 -28.20 12.95 4.43
CA PHE A 849 -27.03 13.74 4.09
C PHE A 849 -27.48 15.06 3.47
N LEU A 850 -28.36 14.98 2.47
CA LEU A 850 -28.85 16.16 1.80
C LEU A 850 -29.59 17.10 2.74
N PHE A 851 -30.26 16.52 3.74
CA PHE A 851 -30.98 17.30 4.73
C PHE A 851 -30.04 18.26 5.45
N VAL A 852 -28.86 17.77 5.80
CA VAL A 852 -27.88 18.62 6.45
C VAL A 852 -27.41 19.66 5.44
N MET A 853 -27.62 19.35 4.17
CA MET A 853 -27.22 20.24 3.08
C MET A 853 -28.39 21.10 2.62
N GLY A 854 -29.37 21.29 3.50
CA GLY A 854 -30.40 22.29 3.28
C GLY A 854 -31.49 21.90 2.31
N THR A 855 -31.25 20.89 1.48
CA THR A 855 -32.19 20.52 0.44
C THR A 855 -33.16 19.44 0.92
N SER A 856 -34.25 19.27 0.18
CA SER A 856 -35.20 18.20 0.47
C SER A 856 -35.60 17.54 -0.85
N GLY A 857 -36.00 16.27 -0.77
CA GLY A 857 -36.40 15.52 -1.95
C GLY A 857 -35.83 16.03 -3.26
N LYS A 858 -36.55 16.97 -3.89
CA LYS A 858 -36.10 17.62 -5.11
C LYS A 858 -36.14 19.14 -4.94
N LYS A 859 -35.01 19.79 -5.14
CA LYS A 859 -34.85 21.20 -4.78
C LYS A 859 -33.39 21.63 -4.96
N THR A 860 -32.93 22.53 -4.10
CA THR A 860 -31.57 23.07 -4.14
C THR A 860 -31.37 23.91 -2.89
N SER A 861 -30.16 24.42 -2.70
CA SER A 861 -29.86 25.28 -1.56
C SER A 861 -28.40 25.68 -1.62
N PRO A 862 -28.02 26.74 -0.89
CA PRO A 862 -26.65 27.23 -1.02
C PRO A 862 -25.59 26.17 -0.72
N HIS A 863 -25.82 25.36 0.31
CA HIS A 863 -24.85 24.33 0.71
C HIS A 863 -24.75 23.23 -0.34
N PHE A 864 -25.89 22.70 -0.76
CA PHE A 864 -25.90 21.61 -1.71
C PHE A 864 -25.15 21.94 -3.00
N GLN A 865 -25.27 23.19 -3.43
CA GLN A 865 -24.59 23.64 -4.64
C GLN A 865 -23.10 23.64 -4.36
N LYS A 866 -22.73 24.12 -3.17
CA LYS A 866 -21.34 24.08 -2.73
C LYS A 866 -20.85 22.64 -2.84
N PHE A 867 -21.55 21.72 -2.17
CA PHE A 867 -21.34 20.29 -2.35
C PHE A 867 -20.93 20.01 -3.79
N GLN A 868 -21.83 20.30 -4.72
CA GLN A 868 -21.63 19.93 -6.13
C GLN A 868 -20.40 20.59 -6.74
N ASP A 869 -20.09 21.80 -6.28
CA ASP A 869 -18.91 22.48 -6.79
C ASP A 869 -17.63 21.86 -6.22
N ILE A 870 -17.72 21.31 -5.01
CA ILE A 870 -16.56 20.64 -4.42
C ILE A 870 -16.39 19.28 -5.08
N CYS A 871 -17.49 18.60 -5.36
CA CYS A 871 -17.43 17.33 -6.03
C CYS A 871 -16.69 17.48 -7.35
N VAL A 872 -17.22 18.37 -8.20
CA VAL A 872 -16.78 18.50 -9.58
C VAL A 872 -15.32 18.92 -9.69
N LYS A 873 -14.89 19.78 -8.79
CA LYS A 873 -13.48 20.11 -8.65
C LYS A 873 -12.66 18.86 -8.33
N ALA A 874 -13.07 18.15 -7.28
CA ALA A 874 -12.34 16.98 -6.80
C ALA A 874 -12.33 15.91 -7.88
N TYR A 875 -13.50 15.63 -8.43
CA TYR A 875 -13.59 14.60 -9.45
C TYR A 875 -12.64 14.94 -10.60
N LEU A 876 -12.75 16.17 -11.10
CA LEU A 876 -11.85 16.66 -12.18
C LEU A 876 -10.38 16.59 -11.79
N ALA A 877 -10.04 17.08 -10.60
CA ALA A 877 -8.67 16.99 -10.11
C ALA A 877 -8.10 15.55 -10.12
N LEU A 878 -8.94 14.54 -9.97
CA LEU A 878 -8.42 13.17 -10.02
C LEU A 878 -8.19 12.77 -11.47
N ARG A 879 -9.05 13.28 -12.37
CA ARG A 879 -8.91 12.97 -13.79
C ARG A 879 -7.60 13.53 -14.36
N HIS A 880 -7.13 14.62 -13.79
CA HIS A 880 -5.80 15.09 -14.14
C HIS A 880 -4.72 14.02 -13.90
N HIS A 881 -5.02 13.03 -13.06
CA HIS A 881 -4.04 12.00 -12.71
C HIS A 881 -4.54 10.61 -13.04
N THR A 882 -5.31 10.54 -14.12
CA THR A 882 -5.96 9.32 -14.58
C THR A 882 -5.01 8.12 -14.62
N ASN A 883 -3.94 8.25 -15.41
CA ASN A 883 -2.98 7.16 -15.60
C ASN A 883 -2.43 6.69 -14.25
N LEU A 884 -2.05 7.61 -13.38
CA LEU A 884 -1.57 7.24 -12.03
C LEU A 884 -2.62 6.35 -11.30
N LEU A 885 -3.86 6.83 -11.23
CA LEU A 885 -4.93 6.12 -10.52
C LEU A 885 -5.18 4.74 -11.10
N ILE A 886 -5.20 4.69 -12.42
CA ILE A 886 -5.37 3.43 -13.13
C ILE A 886 -4.31 2.37 -12.84
N ILE A 887 -3.04 2.79 -12.73
CA ILE A 887 -1.95 1.84 -12.52
C ILE A 887 -2.00 1.38 -11.07
N LEU A 888 -2.30 2.32 -10.19
CA LEU A 888 -2.48 1.98 -8.79
C LEU A 888 -3.70 1.04 -8.61
N PHE A 889 -4.83 1.36 -9.23
CA PHE A 889 -6.01 0.49 -9.09
C PHE A 889 -5.65 -0.88 -9.65
N SER A 890 -4.99 -0.86 -10.78
CA SER A 890 -4.67 -2.11 -11.48
C SER A 890 -3.71 -3.01 -10.69
N MET A 891 -2.69 -2.39 -10.10
CA MET A 891 -1.75 -3.11 -9.25
C MET A 891 -2.40 -3.64 -7.97
N MET A 892 -3.27 -2.83 -7.39
CA MET A 892 -4.03 -3.24 -6.22
C MET A 892 -4.81 -4.55 -6.46
N LEU A 893 -5.55 -4.62 -7.58
CA LEU A 893 -6.36 -5.81 -7.83
C LEU A 893 -5.52 -7.05 -8.00
N MET A 894 -4.32 -6.89 -8.54
CA MET A 894 -3.49 -8.05 -8.83
C MET A 894 -2.80 -8.58 -7.58
N THR A 895 -2.42 -7.69 -6.67
CA THR A 895 -1.59 -8.08 -5.54
C THR A 895 -2.41 -8.23 -4.27
N GLY A 896 -3.61 -7.65 -4.27
CA GLY A 896 -4.35 -7.58 -3.04
C GLY A 896 -5.81 -7.98 -3.10
N MET A 897 -6.35 -8.12 -4.31
CA MET A 897 -7.72 -8.57 -4.46
C MET A 897 -7.72 -9.97 -5.04
N PRO A 898 -7.50 -10.97 -4.18
CA PRO A 898 -7.62 -12.35 -4.64
C PRO A 898 -9.04 -12.61 -5.14
N GLN A 899 -9.16 -13.38 -6.21
CA GLN A 899 -10.43 -13.58 -6.90
C GLN A 899 -10.80 -12.42 -7.82
N LEU A 900 -10.97 -11.23 -7.25
CA LEU A 900 -11.45 -10.08 -8.01
C LEU A 900 -10.43 -9.53 -9.00
N THR A 901 -10.16 -10.27 -10.07
CA THR A 901 -9.40 -9.74 -11.21
C THR A 901 -10.19 -9.80 -12.51
N SER A 902 -10.37 -11.00 -13.04
CA SER A 902 -11.12 -11.18 -14.28
C SER A 902 -10.52 -10.45 -15.48
N LYS A 903 -10.04 -9.22 -15.25
CA LYS A 903 -9.65 -8.26 -16.29
C LYS A 903 -10.71 -7.17 -16.44
N GLU A 904 -11.96 -7.59 -16.56
CA GLU A 904 -13.08 -6.66 -16.72
C GLU A 904 -13.46 -6.06 -15.38
N ASP A 905 -12.75 -6.44 -14.34
CA ASP A 905 -12.83 -5.70 -13.08
C ASP A 905 -11.95 -4.46 -13.22
N ILE A 906 -10.78 -4.65 -13.80
CA ILE A 906 -9.79 -3.59 -13.90
C ILE A 906 -10.39 -2.38 -14.61
N GLU A 907 -11.05 -2.64 -15.74
CA GLU A 907 -11.48 -1.56 -16.61
C GLU A 907 -12.57 -0.66 -16.02
N TYR A 908 -13.13 -1.05 -14.88
CA TYR A 908 -14.17 -0.24 -14.24
C TYR A 908 -13.69 1.19 -14.05
N ILE A 909 -12.48 1.35 -13.54
CA ILE A 909 -12.00 2.67 -13.14
C ILE A 909 -11.71 3.51 -14.39
N ARG A 910 -11.61 2.84 -15.52
CA ARG A 910 -11.48 3.51 -16.81
C ARG A 910 -12.79 4.27 -17.08
N ASP A 911 -13.89 3.53 -17.20
CA ASP A 911 -15.25 4.09 -17.23
C ASP A 911 -15.47 5.14 -16.12
N ALA A 912 -15.15 4.78 -14.88
CA ALA A 912 -15.35 5.71 -13.77
C ALA A 912 -14.71 7.06 -14.04
N LEU A 913 -13.42 7.06 -14.40
CA LEU A 913 -12.69 8.31 -14.62
C LEU A 913 -13.01 8.86 -15.99
N THR A 914 -13.90 8.16 -16.69
CA THR A 914 -14.57 8.72 -17.86
C THR A 914 -13.49 9.22 -18.83
N VAL A 915 -12.63 8.28 -19.23
CA VAL A 915 -11.45 8.61 -20.01
C VAL A 915 -11.81 8.87 -21.48
N GLY A 916 -11.16 9.88 -22.05
CA GLY A 916 -11.44 10.24 -23.43
C GLY A 916 -12.42 11.39 -23.52
N LYS A 917 -13.25 11.54 -22.49
CA LYS A 917 -14.25 12.58 -22.47
C LYS A 917 -13.63 13.92 -22.11
N ASN A 918 -14.31 15.00 -22.48
CA ASN A 918 -13.86 16.36 -22.19
C ASN A 918 -14.29 16.72 -20.78
N GLU A 919 -13.62 17.70 -20.16
CA GLU A 919 -14.02 18.12 -18.83
C GLU A 919 -15.52 18.39 -18.81
N GLU A 920 -16.01 19.04 -19.87
CA GLU A 920 -17.43 19.35 -19.97
C GLU A 920 -18.28 18.09 -19.93
N ASP A 921 -17.96 17.12 -20.76
CA ASP A 921 -18.60 15.81 -20.67
C ASP A 921 -18.39 15.19 -19.28
N ALA A 922 -17.35 15.65 -18.59
CA ALA A 922 -16.99 15.09 -17.29
C ALA A 922 -17.84 15.68 -16.17
N LYS A 923 -17.79 17.00 -16.02
CA LYS A 923 -18.59 17.67 -15.01
C LYS A 923 -20.03 17.19 -15.13
N LYS A 924 -20.48 17.01 -16.36
CA LYS A 924 -21.84 16.55 -16.62
C LYS A 924 -22.04 15.18 -15.96
N TYR A 925 -21.33 14.18 -16.46
CA TYR A 925 -21.49 12.80 -16.02
C TYR A 925 -21.55 12.62 -14.50
N PHE A 926 -20.83 13.45 -13.75
CA PHE A 926 -20.79 13.26 -12.31
C PHE A 926 -22.07 13.76 -11.63
N LEU A 927 -22.47 14.98 -11.97
CA LEU A 927 -23.71 15.55 -11.45
C LEU A 927 -24.91 14.64 -11.72
N ASP A 928 -24.88 13.94 -12.85
CA ASP A 928 -25.93 12.95 -13.15
C ASP A 928 -25.83 11.77 -12.18
N GLN A 929 -24.61 11.27 -12.00
CA GLN A 929 -24.34 10.21 -11.03
C GLN A 929 -24.91 10.63 -9.67
N ILE A 930 -24.72 11.91 -9.35
CA ILE A 930 -25.29 12.49 -8.14
C ILE A 930 -26.82 12.36 -8.14
N GLU A 931 -27.43 12.54 -9.31
CA GLU A 931 -28.88 12.58 -9.42
C GLU A 931 -29.49 11.21 -9.18
N VAL A 932 -28.79 10.16 -9.57
CA VAL A 932 -29.28 8.83 -9.29
C VAL A 932 -29.37 8.68 -7.77
N CYS A 933 -28.70 9.59 -7.05
CA CYS A 933 -28.74 9.58 -5.59
C CYS A 933 -30.01 10.21 -5.04
N ARG A 934 -30.48 11.26 -5.69
CA ARG A 934 -31.74 11.90 -5.34
C ARG A 934 -32.90 10.96 -5.71
N ASP A 935 -32.83 10.37 -6.90
CA ASP A 935 -33.93 9.59 -7.43
C ASP A 935 -34.19 8.32 -6.63
N LYS A 936 -33.13 7.69 -6.15
CA LYS A 936 -33.26 6.42 -5.44
C LYS A 936 -33.60 6.64 -3.96
N GLY A 937 -33.27 7.82 -3.45
CA GLY A 937 -33.64 8.17 -2.09
C GLY A 937 -33.19 7.25 -0.95
N TRP A 938 -33.84 6.08 -0.85
CA TRP A 938 -33.75 5.19 0.30
C TRP A 938 -33.88 3.76 -0.19
N THR A 939 -34.21 3.64 -1.47
CA THR A 939 -34.41 2.35 -2.09
C THR A 939 -33.30 1.40 -1.68
N VAL A 940 -32.06 1.89 -1.75
CA VAL A 940 -30.88 1.04 -1.65
C VAL A 940 -30.50 0.81 -0.18
N GLN A 941 -30.38 1.89 0.58
CA GLN A 941 -30.17 1.78 2.02
C GLN A 941 -31.19 0.82 2.64
N PHE A 942 -32.45 0.99 2.26
CA PHE A 942 -33.53 0.11 2.72
C PHE A 942 -33.34 -1.29 2.13
N ASN A 943 -32.95 -1.33 0.85
CA ASN A 943 -32.59 -2.57 0.17
C ASN A 943 -31.47 -3.31 0.90
N TRP A 944 -30.44 -2.58 1.30
CA TRP A 944 -29.34 -3.16 2.07
C TRP A 944 -29.83 -3.59 3.44
N PHE A 945 -30.71 -2.81 4.05
CA PHE A 945 -31.32 -3.22 5.31
C PHE A 945 -32.08 -4.52 5.10
N LEU A 946 -33.01 -4.51 4.14
CA LEU A 946 -33.82 -5.70 3.86
C LEU A 946 -32.95 -6.93 3.65
N HIS A 947 -31.66 -6.71 3.40
CA HIS A 947 -30.70 -7.80 3.29
C HIS A 947 -30.65 -8.60 4.58
N LEU A 948 -31.81 -8.69 5.25
CA LEU A 948 -32.00 -9.29 6.57
C LEU A 948 -31.28 -8.51 7.66
C1 19P B . -13.14 0.55 11.83
C2 19P B . -12.25 1.63 11.67
C3 19P B . -12.33 2.70 12.50
C4 19P B . -13.32 2.70 13.51
C5 19P B . -14.18 1.58 13.62
N6 19P B . -14.05 0.55 12.78
N7 19P B . -13.44 3.73 14.35
C8 19P B . -14.35 3.74 15.31
C9 19P B . -15.23 2.68 15.48
C10 19P B . -15.16 1.58 14.63
C11 19P B . -13.04 -0.61 10.92
C12 19P B . -12.65 -0.43 9.59
N13 19P B . -12.57 -1.47 8.77
C14 19P B . -12.84 -2.69 9.17
C15 19P B . -13.23 -2.95 10.47
C16 19P B . -13.32 -1.90 11.37
C17 19P B . -12.72 -3.83 8.19
N18 19P B . -16.28 2.43 16.37
C19 19P B . -16.80 1.23 16.08
N20 19P B . -16.14 0.69 15.04
C21 19P B . -16.43 -0.61 14.42
C22 19P B . -17.09 -0.56 13.04
C23 19P B . -17.82 -1.88 12.79
N24 19P B . -16.87 -2.98 12.95
C25 19P B . -16.11 -3.08 14.21
C26 19P B . -15.40 -1.75 14.44
O27 19P B . -17.73 0.70 16.67
C28 19P B . -16.71 3.32 17.44
C29 19P B . -16.71 -3.90 11.98
O30 19P B . -15.86 -4.76 12.09
C31 19P B . -17.57 -3.85 10.74
O32 19P B . -17.09 -4.80 9.79
C33 19P B . -19.01 -4.19 11.12
#